data_1R1I
#
_entry.id   1R1I
#
_cell.length_a   108.845
_cell.length_b   108.845
_cell.length_c   113.071
_cell.angle_alpha   90.00
_cell.angle_beta   90.00
_cell.angle_gamma   120.00
#
_symmetry.space_group_name_H-M   'P 32 2 1'
#
loop_
_entity.id
_entity.type
_entity.pdbx_description
1 polymer Neprilysin
2 non-polymer 2-acetamido-2-deoxy-beta-D-glucopyranose
3 non-polymer 'ZINC ION'
4 non-polymer [2(R,S)-2-SULFANYLHEPTANOYL]-PHE-ALA
5 water water
#
_entity_poly.entity_id   1
_entity_poly.type   'polypeptide(L)'
_entity_poly.pdbx_seq_one_letter_code
;GICKSSDCIKSAARLIQNMDATTEPCTDFFKYACGGWLKRNVIPETSSRYGNFDILRDELEVVLKDVLQEPKTEDIVAVQ
KAKALYRSCINESAIDSRGGEPLLKLLPDIYGWPVATENWEQKYGASWTAEKAIAQLNSKYGKKVLINLFVGTDDKNSVN
HVIHIDQPRLGLPSRDYYECTGIYKEACTAYVDFMISVARLIRQEERLPIDENQLALEMNKVMELEKEIANATAKPEDRN
DPMLLYNKMTLAQIQNNFSLEINGKPFSWLNFTNEIMSTVNISITNEEDVVVYAPEYLTKLKPILTKYSARDLQNLMSWR
FIMDLVSSLSRTYKESRNAFRKALYGTTSETATWRRCANYVNGNMENAVGRLYVEAAFAGESKHVVEDLIAQIREVFIQT
LDDLTWMDAETKKRAEEKALAIKERIGYPDDIVSNDNKLNNEYLELNYKEDEYFENIIQNLKFSQSKQLKKLREKVDKDE
WISGAAVVNAFYSSGRNQIVFPAGILQPPFFSAQQSNSLNYGGIGMVIGHEITHGFDDNGRNFNKDGDLVDWWTQQSASN
FKEQSQCMVYQYGNFSWDLAGGQHLNGINTLGENIADNGGLGQAYRAYQNYIKKNGEEKLLPGLDLNHKQLFFLNFAQVW
CGTYRPEYAVNSIKTDVHSPGNFRIIGTLQNSAEFSEAFHCRKNSYMNPEKKCRVW
;
_entity_poly.pdbx_strand_id   A
#
# COMPACT_ATOMS: atom_id res chain seq x y z
N GLY A 1 35.04 26.43 -10.55
CA GLY A 1 34.32 26.40 -9.23
C GLY A 1 33.13 25.44 -9.08
N ILE A 2 32.77 24.74 -10.15
CA ILE A 2 32.56 23.28 -10.16
C ILE A 2 33.31 22.45 -9.10
N CYS A 3 32.54 21.71 -8.29
CA CYS A 3 33.07 20.66 -7.45
C CYS A 3 33.49 19.47 -8.29
N LYS A 4 34.60 18.84 -7.92
CA LYS A 4 35.09 17.67 -8.64
C LYS A 4 35.11 16.48 -7.70
N SER A 5 34.17 16.45 -6.76
CA SER A 5 34.12 15.39 -5.75
C SER A 5 33.58 14.10 -6.34
N SER A 6 34.18 12.98 -5.97
CA SER A 6 33.74 11.70 -6.47
C SER A 6 32.24 11.60 -6.23
N ASP A 7 31.83 11.99 -5.03
CA ASP A 7 30.42 11.91 -4.68
C ASP A 7 29.69 13.07 -5.38
N CYS A 8 30.46 14.01 -5.92
CA CYS A 8 29.97 14.95 -6.89
C CYS A 8 29.98 14.26 -8.26
N ILE A 9 31.14 13.72 -8.62
CA ILE A 9 31.37 13.24 -9.96
C ILE A 9 30.33 12.15 -10.21
N LYS A 10 29.92 11.50 -9.12
CA LYS A 10 29.04 10.34 -9.20
C LYS A 10 27.65 10.77 -9.65
N SER A 11 27.20 11.88 -9.09
CA SER A 11 25.81 12.30 -9.25
C SER A 11 25.59 12.81 -10.65
N ALA A 12 26.49 13.72 -11.05
CA ALA A 12 26.56 14.16 -12.45
C ALA A 12 26.22 13.04 -13.37
N ALA A 13 26.98 11.96 -13.28
CA ALA A 13 26.92 10.92 -14.30
C ALA A 13 25.60 10.14 -14.22
N ARG A 14 24.96 10.16 -13.06
CA ARG A 14 23.62 9.58 -12.97
C ARG A 14 22.60 10.51 -13.64
N LEU A 15 22.75 11.80 -13.43
CA LEU A 15 21.79 12.77 -13.91
C LEU A 15 21.75 12.82 -15.45
N ILE A 16 22.91 13.05 -16.07
CA ILE A 16 22.95 13.27 -17.50
C ILE A 16 22.45 12.03 -18.19
N GLN A 17 22.72 10.91 -17.54
CA GLN A 17 22.67 9.62 -18.18
C GLN A 17 21.20 9.22 -18.32
N ASN A 18 20.41 9.71 -17.36
CA ASN A 18 18.96 9.60 -17.40
C ASN A 18 18.32 10.64 -18.30
N MET A 19 18.90 11.83 -18.35
CA MET A 19 18.29 12.91 -19.11
C MET A 19 18.64 12.72 -20.57
N ASP A 20 17.74 13.13 -21.45
CA ASP A 20 18.12 13.32 -22.85
C ASP A 20 18.32 14.79 -23.10
N ALA A 21 19.50 15.12 -23.63
CA ALA A 21 19.88 16.50 -23.83
C ALA A 21 18.90 17.27 -24.70
N THR A 22 18.24 16.56 -25.61
CA THR A 22 17.75 17.16 -26.85
C THR A 22 16.25 17.36 -26.85
N THR A 23 15.64 17.40 -25.66
CA THR A 23 14.26 17.85 -25.58
C THR A 23 14.08 19.16 -24.81
N GLU A 24 13.00 19.86 -25.12
CA GLU A 24 12.71 21.13 -24.45
C GLU A 24 12.03 20.83 -23.14
N PRO A 25 12.75 21.13 -22.07
CA PRO A 25 12.22 21.09 -20.72
C PRO A 25 10.77 21.59 -20.67
N CYS A 26 10.45 22.63 -21.43
CA CYS A 26 9.16 23.31 -21.28
C CYS A 26 8.09 22.69 -22.14
N THR A 27 8.45 21.66 -22.92
CA THR A 27 7.50 20.97 -23.78
C THR A 27 7.06 19.59 -23.24
N ASP A 28 8.00 18.82 -22.67
CA ASP A 28 7.70 17.57 -21.91
C ASP A 28 8.78 17.15 -20.91
N PHE A 29 8.67 17.57 -19.66
CA PHE A 29 9.80 17.52 -18.74
C PHE A 29 10.12 16.10 -18.33
N PHE A 30 9.11 15.24 -18.33
CA PHE A 30 9.39 13.81 -18.24
C PHE A 30 10.42 13.28 -19.26
N LYS A 31 10.18 13.49 -20.55
CA LYS A 31 11.18 13.14 -21.58
C LYS A 31 12.48 13.92 -21.39
N TYR A 32 12.37 15.19 -21.05
CA TYR A 32 13.59 15.94 -20.79
C TYR A 32 14.34 15.01 -19.86
N ALA A 33 13.73 14.77 -18.70
CA ALA A 33 14.47 14.34 -17.52
C ALA A 33 14.79 12.84 -17.56
N CYS A 34 14.06 12.10 -18.41
CA CYS A 34 13.96 10.65 -18.28
C CYS A 34 14.18 9.97 -19.61
N GLY A 35 14.34 10.77 -20.65
CA GLY A 35 14.30 10.31 -22.02
C GLY A 35 15.31 9.22 -22.34
N GLY A 36 16.51 9.30 -21.76
CA GLY A 36 17.49 8.26 -21.99
C GLY A 36 17.49 7.15 -20.96
N TRP A 37 16.71 7.31 -19.89
CA TRP A 37 16.44 6.17 -19.05
C TRP A 37 15.54 5.26 -19.85
N LEU A 38 14.53 5.85 -20.48
CA LEU A 38 13.58 5.08 -21.27
C LEU A 38 14.33 4.30 -22.37
N LYS A 39 15.14 5.00 -23.15
CA LYS A 39 15.76 4.40 -24.34
C LYS A 39 16.41 3.07 -24.01
N ARG A 40 17.21 3.04 -22.93
CA ARG A 40 18.25 2.02 -22.74
C ARG A 40 17.64 0.80 -22.06
N ASN A 41 16.47 1.00 -21.48
CA ASN A 41 15.96 0.11 -20.46
C ASN A 41 14.81 -0.68 -21.07
N VAL A 42 14.56 -1.87 -20.56
CA VAL A 42 13.32 -2.51 -20.91
C VAL A 42 12.77 -3.22 -19.68
N ILE A 43 11.45 -3.15 -19.50
CA ILE A 43 10.85 -3.88 -18.43
C ILE A 43 11.27 -5.32 -18.55
N PRO A 44 11.76 -5.77 -17.41
CA PRO A 44 12.02 -7.18 -17.15
C PRO A 44 10.74 -7.98 -17.10
N GLU A 45 10.92 -9.27 -17.30
CA GLU A 45 9.79 -10.11 -17.57
C GLU A 45 9.02 -10.39 -16.27
N THR A 46 9.61 -10.01 -15.14
CA THR A 46 9.04 -10.26 -13.82
C THR A 46 8.48 -8.98 -13.26
N SER A 47 8.75 -7.88 -13.93
CA SER A 47 8.13 -6.58 -13.64
C SER A 47 6.79 -6.31 -14.34
N SER A 48 5.98 -5.54 -13.65
CA SER A 48 4.80 -4.98 -14.25
C SER A 48 5.11 -3.52 -14.35
N ARG A 49 5.98 -3.05 -13.49
CA ARG A 49 6.57 -1.73 -13.55
C ARG A 49 8.05 -1.80 -13.28
N TYR A 50 8.79 -0.87 -13.88
CA TYR A 50 10.23 -0.76 -13.74
C TYR A 50 10.60 0.67 -13.91
N GLY A 51 11.77 1.05 -13.46
CA GLY A 51 12.04 2.45 -13.17
C GLY A 51 12.78 2.64 -11.85
N ASN A 52 13.30 3.85 -11.64
CA ASN A 52 14.29 4.08 -10.60
C ASN A 52 13.76 3.75 -9.24
N PHE A 53 12.58 4.26 -8.93
CA PHE A 53 11.98 3.84 -7.72
C PHE A 53 12.09 2.32 -7.59
N ASP A 54 11.60 1.55 -8.57
CA ASP A 54 11.66 0.08 -8.42
C ASP A 54 13.12 -0.37 -8.29
N ILE A 55 14.00 0.14 -9.11
CA ILE A 55 15.32 -0.41 -9.10
C ILE A 55 15.91 -0.26 -7.67
N LEU A 56 15.62 0.85 -6.98
CA LEU A 56 15.96 0.98 -5.56
C LEU A 56 15.42 -0.14 -4.63
N ARG A 57 14.18 -0.51 -4.83
CA ARG A 57 13.65 -1.66 -4.16
C ARG A 57 14.40 -2.93 -4.55
N ASP A 58 14.81 -3.05 -5.82
CA ASP A 58 15.46 -4.28 -6.26
C ASP A 58 16.80 -4.43 -5.50
N GLU A 59 17.41 -3.28 -5.22
CA GLU A 59 18.68 -3.21 -4.57
C GLU A 59 18.56 -3.33 -3.04
N LEU A 60 17.40 -3.06 -2.50
CA LEU A 60 17.13 -3.45 -1.13
C LEU A 60 17.14 -4.96 -0.95
N GLU A 61 16.68 -5.69 -1.95
CA GLU A 61 16.56 -7.13 -1.80
C GLU A 61 17.93 -7.85 -1.79
N VAL A 62 18.92 -7.34 -2.46
CA VAL A 62 20.27 -7.93 -2.48
C VAL A 62 20.81 -7.84 -1.08
N VAL A 63 20.68 -6.65 -0.49
CA VAL A 63 21.23 -6.41 0.83
C VAL A 63 20.59 -7.31 1.88
N LEU A 64 19.28 -7.44 1.78
CA LEU A 64 18.51 -8.39 2.54
C LEU A 64 19.01 -9.81 2.26
N LYS A 65 19.36 -10.08 1.01
CA LYS A 65 19.99 -11.33 0.74
C LYS A 65 21.38 -11.43 1.41
N ASP A 66 22.24 -10.43 1.23
CA ASP A 66 23.54 -10.41 1.89
C ASP A 66 23.42 -10.66 3.39
N VAL A 67 22.26 -10.36 3.97
CA VAL A 67 22.17 -10.28 5.41
C VAL A 67 21.19 -11.24 6.03
N LEU A 68 20.31 -11.84 5.24
CA LEU A 68 19.62 -13.02 5.75
C LEU A 68 20.38 -14.37 5.68
N GLN A 69 21.16 -14.63 4.63
CA GLN A 69 21.37 -16.01 4.20
C GLN A 69 22.59 -16.66 4.83
N GLU A 70 23.35 -15.90 5.62
CA GLU A 70 24.57 -16.43 6.26
C GLU A 70 24.45 -16.48 7.78
N PRO A 71 24.23 -17.67 8.33
CA PRO A 71 24.25 -17.87 9.78
C PRO A 71 25.33 -17.07 10.47
N LYS A 72 25.05 -16.61 11.68
CA LYS A 72 26.04 -15.90 12.50
C LYS A 72 25.96 -16.41 13.94
N THR A 73 27.09 -16.84 14.48
CA THR A 73 27.03 -17.83 15.57
C THR A 73 26.62 -17.05 16.83
N GLU A 74 26.83 -15.73 16.75
CA GLU A 74 26.38 -14.82 17.77
C GLU A 74 25.06 -14.11 17.48
N ASP A 75 24.32 -14.52 16.44
CA ASP A 75 22.96 -14.01 16.23
C ASP A 75 22.08 -14.26 17.47
N ILE A 76 21.24 -13.29 17.86
CA ILE A 76 20.31 -13.50 18.97
C ILE A 76 19.00 -14.10 18.51
N VAL A 77 18.26 -14.72 19.42
CA VAL A 77 17.30 -15.73 19.00
C VAL A 77 16.45 -15.13 17.91
N ALA A 78 16.34 -13.81 17.91
CA ALA A 78 15.36 -13.16 17.05
C ALA A 78 15.81 -13.20 15.60
N VAL A 79 17.03 -12.81 15.35
CA VAL A 79 17.64 -13.01 14.05
C VAL A 79 17.54 -14.44 13.56
N GLN A 80 17.57 -15.39 14.48
CA GLN A 80 17.83 -16.78 14.14
C GLN A 80 16.57 -17.31 13.50
N LYS A 81 15.42 -16.79 13.94
CA LYS A 81 14.17 -17.23 13.43
C LYS A 81 14.01 -16.67 12.05
N ALA A 82 14.34 -15.40 11.83
CA ALA A 82 14.01 -14.88 10.50
C ALA A 82 14.73 -15.79 9.50
N LYS A 83 16.02 -15.95 9.74
CA LYS A 83 16.91 -16.71 8.88
C LYS A 83 16.42 -18.14 8.70
N ALA A 84 16.08 -18.79 9.78
CA ALA A 84 15.37 -20.04 9.66
C ALA A 84 14.27 -19.84 8.66
N LEU A 85 13.53 -18.76 8.84
CA LEU A 85 12.29 -18.49 8.10
C LEU A 85 12.66 -18.43 6.66
N TYR A 86 13.67 -17.59 6.42
CA TYR A 86 14.21 -17.34 5.11
C TYR A 86 14.67 -18.63 4.44
N ARG A 87 15.56 -19.35 5.12
CA ARG A 87 16.10 -20.59 4.59
C ARG A 87 14.95 -21.55 4.30
N SER A 88 13.93 -21.47 5.13
CA SER A 88 12.83 -22.38 4.98
C SER A 88 12.12 -22.03 3.71
N CYS A 89 12.15 -20.75 3.35
CA CYS A 89 11.30 -20.24 2.27
C CYS A 89 11.96 -20.53 0.95
N ILE A 90 13.29 -20.51 0.90
CA ILE A 90 13.97 -20.88 -0.36
C ILE A 90 14.18 -22.38 -0.69
N ASN A 91 13.80 -23.31 0.19
CA ASN A 91 13.98 -24.74 -0.10
C ASN A 91 12.83 -25.37 -0.93
N GLU A 92 12.90 -25.17 -2.27
CA GLU A 92 11.90 -25.66 -3.23
C GLU A 92 11.68 -27.19 -3.26
N SER A 93 12.80 -27.91 -3.22
CA SER A 93 12.76 -29.36 -3.24
C SER A 93 11.82 -29.75 -2.14
N ALA A 94 12.05 -29.16 -0.99
CA ALA A 94 11.22 -29.49 0.14
C ALA A 94 9.79 -29.06 -0.13
N ILE A 95 9.60 -27.83 -0.64
CA ILE A 95 8.22 -27.38 -0.80
C ILE A 95 7.54 -28.27 -1.85
N ASP A 96 8.25 -28.59 -2.91
CA ASP A 96 7.73 -29.55 -3.88
C ASP A 96 7.49 -30.96 -3.30
N SER A 97 8.47 -31.59 -2.65
CA SER A 97 8.21 -32.84 -1.93
C SER A 97 6.72 -32.93 -1.69
N ARG A 98 6.19 -31.86 -1.10
CA ARG A 98 5.01 -31.95 -0.26
C ARG A 98 3.75 -31.74 -1.08
N GLY A 99 3.96 -31.45 -2.37
CA GLY A 99 2.84 -31.37 -3.29
C GLY A 99 1.78 -30.44 -2.75
N GLY A 100 0.55 -30.94 -2.62
CA GLY A 100 -0.54 -30.15 -2.10
C GLY A 100 -0.82 -30.31 -0.62
N GLU A 101 -0.22 -31.30 0.05
CA GLU A 101 -0.85 -31.84 1.26
C GLU A 101 -1.25 -30.77 2.29
N PRO A 102 -0.49 -29.70 2.39
CA PRO A 102 -0.73 -28.62 3.38
C PRO A 102 -2.08 -27.86 3.45
N LEU A 103 -2.87 -27.75 2.38
CA LEU A 103 -4.22 -27.17 2.50
C LEU A 103 -5.27 -28.24 2.83
N LEU A 104 -5.15 -29.37 2.15
CA LEU A 104 -5.83 -30.59 2.53
C LEU A 104 -5.81 -30.74 4.04
N LYS A 105 -4.67 -30.43 4.61
CA LYS A 105 -4.56 -30.30 6.05
C LYS A 105 -5.49 -29.20 6.52
N LEU A 106 -5.81 -28.26 5.63
CA LEU A 106 -6.59 -27.08 6.02
C LEU A 106 -8.08 -27.25 5.72
N LEU A 107 -8.40 -27.68 4.50
CA LEU A 107 -9.72 -27.42 3.94
C LEU A 107 -10.74 -27.61 5.06
N PRO A 108 -10.47 -28.62 5.87
CA PRO A 108 -11.47 -29.13 6.79
C PRO A 108 -11.57 -28.19 7.99
N ASP A 109 -10.56 -27.35 8.18
CA ASP A 109 -10.63 -26.33 9.20
C ASP A 109 -11.65 -25.28 8.77
N ILE A 110 -11.70 -25.01 7.47
CA ILE A 110 -12.49 -23.91 6.93
C ILE A 110 -13.79 -24.47 6.35
N TYR A 111 -14.19 -25.64 6.84
CA TYR A 111 -15.42 -26.30 6.42
C TYR A 111 -15.37 -26.61 4.92
N GLY A 112 -14.15 -26.67 4.38
CA GLY A 112 -13.87 -27.41 3.16
C GLY A 112 -14.04 -26.57 1.93
N TRP A 113 -13.72 -27.14 0.76
CA TRP A 113 -13.88 -26.46 -0.52
C TRP A 113 -14.81 -27.20 -1.46
N PRO A 114 -16.09 -26.83 -1.46
CA PRO A 114 -17.10 -27.76 -1.98
C PRO A 114 -16.63 -28.38 -3.31
N VAL A 115 -16.25 -27.58 -4.30
CA VAL A 115 -16.04 -28.12 -5.63
C VAL A 115 -14.94 -29.18 -5.65
N ALA A 116 -14.25 -29.39 -4.53
CA ALA A 116 -13.36 -30.54 -4.44
C ALA A 116 -13.68 -31.35 -3.21
N THR A 117 -14.96 -31.60 -3.02
CA THR A 117 -15.41 -32.57 -2.05
C THR A 117 -16.45 -33.51 -2.68
N GLU A 118 -16.28 -34.80 -2.40
CA GLU A 118 -17.37 -35.78 -2.24
C GLU A 118 -18.47 -35.37 -1.25
N ASN A 119 -19.68 -35.18 -1.75
CA ASN A 119 -20.86 -35.06 -0.88
C ASN A 119 -20.73 -33.95 0.15
N TRP A 120 -20.48 -32.72 -0.31
CA TRP A 120 -20.10 -31.64 0.60
C TRP A 120 -21.19 -31.50 1.64
N GLU A 121 -22.39 -31.21 1.18
CA GLU A 121 -23.47 -30.87 2.09
C GLU A 121 -23.41 -31.71 3.37
N GLN A 122 -23.01 -32.98 3.25
CA GLN A 122 -23.20 -33.96 4.33
C GLN A 122 -21.96 -34.02 5.24
N LYS A 123 -20.81 -33.64 4.71
CA LYS A 123 -19.60 -33.51 5.54
C LYS A 123 -19.51 -32.25 6.44
N TYR A 124 -19.99 -31.11 5.94
CA TYR A 124 -19.83 -29.84 6.66
C TYR A 124 -21.16 -29.09 6.83
N GLY A 125 -22.03 -29.19 5.81
CA GLY A 125 -23.18 -28.32 5.65
C GLY A 125 -24.26 -28.42 6.71
N ALA A 126 -24.26 -29.53 7.46
CA ALA A 126 -25.06 -29.60 8.67
C ALA A 126 -24.60 -28.45 9.56
N SER A 127 -23.29 -28.47 9.78
CA SER A 127 -22.64 -27.58 10.71
C SER A 127 -22.58 -26.16 10.12
N TRP A 128 -21.87 -26.02 9.01
CA TRP A 128 -21.61 -24.71 8.44
C TRP A 128 -22.46 -23.66 9.16
N THR A 129 -21.87 -22.55 9.57
CA THR A 129 -22.53 -21.24 9.50
C THR A 129 -21.63 -20.09 9.01
N ALA A 130 -22.21 -19.27 8.13
CA ALA A 130 -21.99 -17.84 8.16
C ALA A 130 -20.92 -17.49 9.17
N GLU A 131 -21.34 -17.49 10.42
CA GLU A 131 -20.65 -16.72 11.42
C GLU A 131 -19.34 -17.40 11.72
N LYS A 132 -19.37 -18.73 11.80
CA LYS A 132 -18.15 -19.49 12.13
C LYS A 132 -17.33 -19.60 10.88
N ALA A 133 -17.98 -19.96 9.79
CA ALA A 133 -17.26 -20.15 8.54
C ALA A 133 -16.48 -18.89 8.26
N ILE A 134 -17.21 -17.84 7.89
CA ILE A 134 -16.67 -16.51 7.73
C ILE A 134 -15.79 -16.18 8.92
N ALA A 135 -16.26 -16.47 10.12
CA ALA A 135 -15.48 -16.16 11.30
C ALA A 135 -14.18 -16.93 11.43
N GLN A 136 -14.11 -18.18 10.97
CA GLN A 136 -12.86 -18.98 11.04
C GLN A 136 -11.76 -18.41 10.14
N LEU A 137 -12.10 -18.25 8.86
CA LEU A 137 -11.33 -17.44 7.94
C LEU A 137 -10.78 -16.18 8.57
N ASN A 138 -11.64 -15.32 9.06
CA ASN A 138 -11.17 -14.13 9.74
C ASN A 138 -10.17 -14.46 10.84
N SER A 139 -10.52 -15.38 11.74
CA SER A 139 -9.85 -15.47 13.04
C SER A 139 -8.52 -16.20 13.03
N LYS A 140 -8.45 -17.33 12.35
CA LYS A 140 -7.19 -18.06 12.31
C LYS A 140 -6.30 -17.39 11.25
N TYR A 141 -6.91 -17.10 10.11
CA TYR A 141 -6.20 -16.94 8.85
C TYR A 141 -6.43 -15.53 8.36
N GLY A 142 -7.37 -14.86 8.99
CA GLY A 142 -7.40 -13.41 8.93
C GLY A 142 -7.51 -13.03 7.49
N LYS A 143 -8.00 -13.98 6.69
CA LYS A 143 -8.63 -13.64 5.46
C LYS A 143 -10.05 -13.25 5.70
N LYS A 144 -10.47 -12.15 5.10
CA LYS A 144 -11.78 -11.61 5.41
C LYS A 144 -12.62 -11.68 4.16
N VAL A 145 -13.74 -12.39 4.23
CA VAL A 145 -14.54 -12.58 3.04
C VAL A 145 -16.00 -12.37 3.38
N LEU A 146 -16.79 -11.95 2.38
CA LEU A 146 -18.20 -11.59 2.55
C LEU A 146 -18.44 -10.37 3.43
N ILE A 147 -18.10 -10.45 4.71
CA ILE A 147 -18.29 -9.34 5.61
C ILE A 147 -17.00 -9.08 6.34
N ASN A 148 -16.32 -7.99 5.99
CA ASN A 148 -15.01 -7.71 6.53
C ASN A 148 -15.15 -7.05 7.88
N LEU A 149 -14.72 -7.72 8.94
CA LEU A 149 -14.83 -7.16 10.28
C LEU A 149 -13.46 -7.17 10.85
N PHE A 150 -12.96 -6.00 11.27
CA PHE A 150 -11.58 -5.91 11.74
C PHE A 150 -11.45 -5.17 13.06
N VAL A 151 -10.24 -5.00 13.55
CA VAL A 151 -9.98 -4.00 14.60
C VAL A 151 -8.94 -2.94 14.21
N GLY A 152 -9.25 -1.67 14.43
CA GLY A 152 -8.33 -0.60 14.06
C GLY A 152 -8.34 0.52 15.08
N THR A 153 -7.37 1.42 15.02
CA THR A 153 -7.48 2.63 15.81
C THR A 153 -8.77 3.36 15.46
N ASP A 154 -9.53 3.75 16.48
CA ASP A 154 -10.81 4.46 16.32
C ASP A 154 -10.65 5.93 15.93
N ASP A 155 -11.41 6.36 14.93
CA ASP A 155 -11.18 7.65 14.28
C ASP A 155 -11.64 8.83 15.13
N LYS A 156 -12.55 8.56 16.07
CA LYS A 156 -12.96 9.57 17.04
C LYS A 156 -12.07 9.64 18.26
N ASN A 157 -11.42 8.53 18.61
CA ASN A 157 -10.59 8.48 19.81
C ASN A 157 -9.33 7.64 19.65
N SER A 158 -8.22 8.31 19.41
CA SER A 158 -7.07 7.68 18.80
C SER A 158 -6.04 7.27 19.85
N VAL A 159 -6.52 7.03 21.06
CA VAL A 159 -5.85 6.10 21.94
C VAL A 159 -6.58 4.78 21.85
N ASN A 160 -7.77 4.84 21.32
CA ASN A 160 -8.65 3.71 21.47
C ASN A 160 -8.92 2.89 20.20
N HIS A 161 -8.91 1.60 20.39
CA HIS A 161 -9.11 0.68 19.30
C HIS A 161 -10.59 0.37 19.24
N VAL A 162 -11.11 0.03 18.07
CA VAL A 162 -12.43 -0.50 18.02
C VAL A 162 -12.57 -1.40 16.83
N ILE A 163 -13.76 -2.00 16.76
CA ILE A 163 -14.11 -2.93 15.76
C ILE A 163 -14.82 -2.20 14.61
N HIS A 164 -14.40 -2.48 13.38
CA HIS A 164 -15.08 -2.01 12.18
C HIS A 164 -15.74 -3.16 11.42
N ILE A 165 -16.86 -2.89 10.77
CA ILE A 165 -17.35 -3.77 9.71
C ILE A 165 -17.31 -3.01 8.40
N ASP A 166 -16.86 -3.68 7.32
CA ASP A 166 -16.66 -3.06 6.01
C ASP A 166 -17.04 -4.06 4.93
N GLN A 167 -17.15 -3.64 3.67
CA GLN A 167 -17.21 -4.57 2.56
C GLN A 167 -15.91 -5.35 2.37
N PRO A 168 -15.99 -6.50 1.73
CA PRO A 168 -14.82 -7.31 1.39
C PRO A 168 -13.96 -6.73 0.26
N ARG A 169 -12.64 -6.84 0.39
CA ARG A 169 -11.80 -6.84 -0.81
C ARG A 169 -12.25 -7.93 -1.77
N LEU A 170 -11.76 -7.93 -3.00
CA LEU A 170 -12.28 -8.87 -3.98
C LEU A 170 -11.19 -9.63 -4.73
N GLY A 171 -11.59 -10.65 -5.47
CA GLY A 171 -10.63 -11.53 -6.09
C GLY A 171 -9.82 -10.78 -7.13
N LEU A 172 -10.52 -10.02 -7.97
CA LEU A 172 -9.83 -9.24 -8.99
C LEU A 172 -9.36 -7.96 -8.38
N PRO A 173 -8.59 -7.21 -9.15
CA PRO A 173 -7.98 -5.96 -8.67
C PRO A 173 -8.96 -4.88 -8.24
N SER A 174 -10.00 -4.63 -9.01
CA SER A 174 -11.03 -3.73 -8.49
C SER A 174 -12.42 -4.12 -8.98
N ARG A 175 -13.46 -3.46 -8.48
CA ARG A 175 -14.81 -3.80 -8.91
C ARG A 175 -15.03 -3.57 -10.40
N ASP A 176 -14.28 -2.66 -11.00
CA ASP A 176 -14.39 -2.44 -12.43
C ASP A 176 -14.24 -3.77 -13.22
N TYR A 177 -13.34 -4.64 -12.77
CA TYR A 177 -13.01 -5.81 -13.56
C TYR A 177 -14.31 -6.59 -13.88
N TYR A 178 -15.19 -6.65 -12.89
CA TYR A 178 -16.20 -7.68 -12.87
C TYR A 178 -17.26 -7.31 -13.87
N GLU A 179 -17.04 -6.17 -14.54
CA GLU A 179 -17.64 -5.87 -15.83
C GLU A 179 -17.37 -7.05 -16.73
N CYS A 180 -16.08 -7.33 -16.92
CA CYS A 180 -15.63 -8.58 -17.50
C CYS A 180 -15.79 -8.49 -18.99
N THR A 181 -15.63 -7.29 -19.52
CA THR A 181 -15.50 -7.16 -20.95
C THR A 181 -14.58 -6.05 -21.42
N GLY A 182 -14.18 -6.13 -22.68
CA GLY A 182 -13.13 -5.28 -23.20
C GLY A 182 -11.85 -5.55 -22.46
N ILE A 183 -11.19 -4.50 -21.99
CA ILE A 183 -9.86 -4.62 -21.43
C ILE A 183 -9.85 -5.40 -20.11
N TYR A 184 -10.99 -5.92 -19.69
CA TYR A 184 -10.98 -6.86 -18.59
C TYR A 184 -11.43 -8.26 -19.02
N LYS A 185 -11.60 -8.47 -20.32
CA LYS A 185 -12.13 -9.76 -20.77
C LYS A 185 -11.22 -10.87 -20.24
N GLU A 186 -9.98 -10.84 -20.72
CA GLU A 186 -8.95 -11.80 -20.35
C GLU A 186 -8.98 -12.06 -18.86
N ALA A 187 -8.69 -11.02 -18.09
CA ALA A 187 -8.47 -11.18 -16.69
C ALA A 187 -9.62 -12.01 -16.15
N CYS A 188 -10.80 -11.73 -16.66
CA CYS A 188 -11.98 -12.39 -16.13
C CYS A 188 -11.96 -13.84 -16.56
N THR A 189 -11.53 -14.11 -17.78
CA THR A 189 -11.58 -15.48 -18.27
C THR A 189 -10.59 -16.25 -17.41
N ALA A 190 -9.43 -15.63 -17.20
CA ALA A 190 -8.31 -16.28 -16.53
C ALA A 190 -8.56 -16.51 -15.04
N TYR A 191 -9.44 -15.72 -14.42
CA TYR A 191 -9.69 -15.82 -13.00
C TYR A 191 -10.51 -17.08 -12.70
N VAL A 192 -11.50 -17.37 -13.51
CA VAL A 192 -12.28 -18.57 -13.27
C VAL A 192 -11.56 -19.77 -13.88
N ASP A 193 -10.70 -19.54 -14.84
CA ASP A 193 -9.96 -20.64 -15.43
C ASP A 193 -9.04 -21.13 -14.35
N PHE A 194 -8.58 -20.17 -13.55
CA PHE A 194 -7.69 -20.38 -12.44
C PHE A 194 -8.45 -21.14 -11.34
N MET A 195 -9.58 -20.59 -10.90
CA MET A 195 -10.40 -21.32 -9.94
C MET A 195 -10.38 -22.75 -10.43
N ILE A 196 -10.45 -22.92 -11.75
CA ILE A 196 -10.61 -24.25 -12.26
C ILE A 196 -9.32 -25.04 -12.12
N SER A 197 -8.30 -24.65 -12.85
CA SER A 197 -7.04 -25.31 -12.72
C SER A 197 -6.83 -25.82 -11.30
N VAL A 198 -7.16 -24.99 -10.33
CA VAL A 198 -6.78 -25.26 -8.96
C VAL A 198 -7.70 -26.30 -8.34
N ALA A 199 -9.00 -26.14 -8.56
CA ALA A 199 -9.97 -27.16 -8.15
C ALA A 199 -9.63 -28.51 -8.76
N ARG A 200 -8.89 -28.51 -9.85
CA ARG A 200 -8.65 -29.73 -10.59
C ARG A 200 -7.50 -30.53 -9.98
N LEU A 201 -6.35 -29.92 -9.83
CA LEU A 201 -5.29 -30.52 -9.07
C LEU A 201 -5.78 -31.04 -7.74
N ILE A 202 -6.50 -30.20 -7.01
CA ILE A 202 -6.89 -30.57 -5.68
C ILE A 202 -7.45 -31.98 -5.73
N ARG A 203 -8.36 -32.19 -6.69
CA ARG A 203 -9.07 -33.46 -6.79
C ARG A 203 -8.14 -34.59 -7.26
N GLN A 204 -7.52 -34.39 -8.42
CA GLN A 204 -6.43 -35.27 -8.83
C GLN A 204 -5.74 -35.77 -7.59
N GLU A 205 -5.32 -34.85 -6.75
CA GLU A 205 -4.56 -35.27 -5.61
C GLU A 205 -5.42 -36.17 -4.75
N GLU A 206 -6.73 -35.94 -4.78
CA GLU A 206 -7.63 -36.67 -3.92
C GLU A 206 -7.96 -38.00 -4.54
N ARG A 207 -7.41 -38.22 -5.72
CA ARG A 207 -7.85 -39.32 -6.55
C ARG A 207 -9.36 -39.31 -6.58
N LEU A 208 -9.91 -38.19 -7.00
CA LEU A 208 -11.30 -38.16 -7.37
C LEU A 208 -11.45 -37.87 -8.85
N PRO A 209 -12.67 -38.10 -9.32
CA PRO A 209 -13.03 -38.07 -10.74
C PRO A 209 -13.24 -36.65 -11.24
N ILE A 210 -12.77 -36.34 -12.44
CA ILE A 210 -12.94 -34.97 -12.93
C ILE A 210 -14.08 -34.80 -13.89
N ASP A 211 -15.02 -33.95 -13.50
CA ASP A 211 -16.13 -33.58 -14.37
C ASP A 211 -15.94 -32.14 -14.79
N GLU A 212 -15.24 -31.93 -15.90
CA GLU A 212 -14.75 -30.61 -16.22
C GLU A 212 -15.94 -29.68 -16.47
N ASN A 213 -17.04 -30.26 -16.93
CA ASN A 213 -18.26 -29.50 -17.24
C ASN A 213 -18.95 -28.99 -15.97
N GLN A 214 -18.86 -29.78 -14.89
CA GLN A 214 -19.41 -29.38 -13.60
C GLN A 214 -18.48 -28.46 -12.83
N LEU A 215 -17.20 -28.48 -13.18
CA LEU A 215 -16.27 -27.47 -12.73
C LEU A 215 -16.52 -26.13 -13.43
N ALA A 216 -16.35 -26.11 -14.75
CA ALA A 216 -16.83 -25.01 -15.55
C ALA A 216 -18.07 -24.42 -14.89
N LEU A 217 -18.75 -25.26 -14.13
CA LEU A 217 -20.08 -24.93 -13.65
C LEU A 217 -19.97 -24.32 -12.28
N GLU A 218 -19.43 -25.06 -11.34
CA GLU A 218 -19.33 -24.55 -10.01
C GLU A 218 -18.59 -23.21 -10.09
N MET A 219 -17.48 -23.17 -10.82
CA MET A 219 -16.54 -22.07 -10.63
C MET A 219 -17.14 -20.81 -11.24
N ASN A 220 -18.03 -20.98 -12.20
CA ASN A 220 -18.64 -19.83 -12.87
C ASN A 220 -19.78 -19.23 -12.05
N LYS A 221 -20.44 -20.08 -11.29
CA LYS A 221 -21.38 -19.61 -10.31
C LYS A 221 -20.67 -18.72 -9.33
N VAL A 222 -19.55 -19.21 -8.80
CA VAL A 222 -18.75 -18.45 -7.84
C VAL A 222 -18.49 -17.03 -8.32
N MET A 223 -18.09 -16.93 -9.60
CA MET A 223 -17.91 -15.66 -10.30
C MET A 223 -19.16 -14.79 -10.26
N GLU A 224 -20.31 -15.36 -10.62
CA GLU A 224 -21.57 -14.64 -10.56
C GLU A 224 -21.83 -14.11 -9.16
N LEU A 225 -21.48 -14.90 -8.16
CA LEU A 225 -21.52 -14.47 -6.76
C LEU A 225 -20.69 -13.19 -6.47
N GLU A 226 -19.43 -13.19 -6.91
CA GLU A 226 -18.56 -12.06 -6.61
C GLU A 226 -18.97 -10.90 -7.49
N LYS A 227 -19.36 -11.18 -8.72
CA LYS A 227 -19.93 -10.10 -9.53
C LYS A 227 -20.95 -9.35 -8.67
N GLU A 228 -22.00 -10.04 -8.22
CA GLU A 228 -23.05 -9.36 -7.44
C GLU A 228 -22.44 -8.65 -6.21
N ILE A 229 -21.51 -9.31 -5.53
CA ILE A 229 -20.90 -8.69 -4.37
C ILE A 229 -20.09 -7.48 -4.83
N ALA A 230 -19.44 -7.61 -5.96
CA ALA A 230 -18.70 -6.47 -6.51
C ALA A 230 -19.62 -5.25 -6.72
N ASN A 231 -20.76 -5.46 -7.38
CA ASN A 231 -21.66 -4.37 -7.78
C ASN A 231 -22.25 -3.71 -6.54
N ALA A 232 -22.30 -4.47 -5.46
CA ALA A 232 -22.87 -3.98 -4.21
C ALA A 232 -21.87 -3.10 -3.47
N THR A 233 -20.59 -3.25 -3.82
CA THR A 233 -19.55 -2.52 -3.15
C THR A 233 -19.58 -1.06 -3.56
N ALA A 234 -19.23 -0.20 -2.62
CA ALA A 234 -19.14 1.23 -2.86
C ALA A 234 -17.86 1.67 -3.58
N LYS A 235 -18.03 2.57 -4.52
CA LYS A 235 -16.89 3.07 -5.30
C LYS A 235 -15.91 3.63 -4.33
N PRO A 236 -14.69 3.83 -4.80
CA PRO A 236 -13.67 4.57 -4.03
C PRO A 236 -13.97 6.04 -3.96
N GLU A 237 -14.74 6.55 -4.91
CA GLU A 237 -15.13 7.95 -4.93
C GLU A 237 -16.00 8.33 -3.74
N ASP A 238 -16.92 7.45 -3.38
CA ASP A 238 -17.81 7.68 -2.25
C ASP A 238 -17.29 7.13 -0.91
N ARG A 239 -16.03 6.73 -0.85
CA ARG A 239 -15.47 6.23 0.42
C ARG A 239 -14.47 7.20 1.00
N ASN A 240 -14.36 8.37 0.39
CA ASN A 240 -13.12 9.10 0.42
C ASN A 240 -13.26 10.34 1.25
N ASP A 241 -14.41 10.49 1.90
CA ASP A 241 -14.54 11.40 3.03
C ASP A 241 -14.90 10.72 4.32
N PRO A 242 -13.98 10.75 5.27
CA PRO A 242 -14.11 9.97 6.50
C PRO A 242 -15.13 10.53 7.49
N MET A 243 -15.95 11.49 7.08
CA MET A 243 -17.13 11.84 7.86
C MET A 243 -18.38 11.09 7.39
N LEU A 244 -18.47 10.81 6.08
CA LEU A 244 -19.64 10.07 5.63
C LEU A 244 -19.38 8.63 5.95
N LEU A 245 -18.12 8.30 6.07
CA LEU A 245 -17.75 6.89 6.12
C LEU A 245 -18.09 6.41 7.54
N TYR A 246 -17.75 7.23 8.54
CA TYR A 246 -17.72 6.86 9.94
C TYR A 246 -19.13 6.92 10.50
N ASN A 247 -19.80 5.77 10.54
CA ASN A 247 -21.07 5.67 11.25
C ASN A 247 -21.05 4.62 12.40
N LYS A 248 -21.03 5.12 13.64
CA LYS A 248 -20.78 4.28 14.82
C LYS A 248 -22.05 3.70 15.43
N MET A 249 -21.98 2.44 15.86
CA MET A 249 -23.19 1.63 16.16
C MET A 249 -22.92 0.52 17.21
N THR A 250 -23.96 0.10 17.93
CA THR A 250 -23.86 -1.13 18.70
C THR A 250 -24.30 -2.27 17.81
N LEU A 251 -23.60 -3.39 17.91
CA LEU A 251 -24.12 -4.62 17.34
C LEU A 251 -25.63 -4.51 17.41
N ALA A 252 -26.09 -3.74 18.39
CA ALA A 252 -27.50 -3.52 18.62
C ALA A 252 -28.18 -3.05 17.33
N GLN A 253 -28.14 -1.75 17.05
CA GLN A 253 -28.88 -1.22 15.91
C GLN A 253 -28.42 -2.04 14.72
N ILE A 254 -27.20 -2.54 14.83
CA ILE A 254 -26.60 -3.16 13.68
C ILE A 254 -27.50 -4.34 13.41
N GLN A 255 -27.68 -5.15 14.43
CA GLN A 255 -28.54 -6.30 14.34
C GLN A 255 -29.91 -5.88 13.84
N ASN A 256 -30.29 -4.63 14.12
CA ASN A 256 -31.63 -4.20 13.79
C ASN A 256 -31.74 -3.72 12.35
N ASN A 257 -30.73 -2.98 11.91
CA ASN A 257 -30.89 -2.20 10.70
C ASN A 257 -30.30 -2.92 9.51
N PHE A 258 -29.36 -3.81 9.78
CA PHE A 258 -28.69 -4.51 8.69
C PHE A 258 -28.68 -6.00 8.99
N SER A 259 -29.88 -6.59 8.95
CA SER A 259 -30.05 -8.00 9.20
C SER A 259 -29.79 -8.78 7.93
N LEU A 260 -29.41 -10.05 8.07
CA LEU A 260 -28.98 -10.84 6.91
C LEU A 260 -29.42 -12.29 7.10
N GLU A 261 -30.04 -12.84 6.06
CA GLU A 261 -30.61 -14.18 6.15
C GLU A 261 -29.81 -15.17 5.31
N ILE A 262 -28.79 -15.76 5.90
CA ILE A 262 -27.83 -16.59 5.18
C ILE A 262 -28.08 -18.09 5.41
N ASN A 263 -28.34 -18.79 4.31
CA ASN A 263 -28.65 -20.21 4.38
C ASN A 263 -30.11 -20.42 4.81
N GLY A 264 -30.85 -19.33 4.92
CA GLY A 264 -31.86 -19.22 5.97
C GLY A 264 -31.23 -19.52 7.32
N LYS A 265 -30.56 -18.52 7.88
CA LYS A 265 -30.53 -18.35 9.33
C LYS A 265 -31.83 -17.68 9.76
N PRO A 266 -31.78 -16.44 10.23
CA PRO A 266 -30.87 -15.41 9.72
C PRO A 266 -29.68 -15.12 10.63
N PHE A 267 -28.91 -14.08 10.27
CA PHE A 267 -27.53 -13.92 10.70
C PHE A 267 -27.48 -13.16 12.04
N SER A 268 -26.54 -13.57 12.90
CA SER A 268 -26.46 -13.00 14.24
C SER A 268 -25.13 -12.35 14.45
N TRP A 269 -25.13 -11.02 14.46
CA TRP A 269 -23.90 -10.28 14.52
C TRP A 269 -23.18 -10.49 15.85
N LEU A 270 -23.92 -10.86 16.88
CA LEU A 270 -23.34 -11.08 18.21
C LEU A 270 -22.70 -12.47 18.31
N ASN A 271 -23.33 -13.44 17.64
CA ASN A 271 -22.67 -14.69 17.37
C ASN A 271 -21.29 -14.44 16.78
N PHE A 272 -21.31 -13.91 15.56
CA PHE A 272 -20.14 -13.94 14.70
C PHE A 272 -19.08 -12.97 15.18
N THR A 273 -19.47 -11.86 15.82
CA THR A 273 -18.46 -11.05 16.50
C THR A 273 -17.84 -11.75 17.72
N ASN A 274 -18.61 -12.58 18.39
CA ASN A 274 -18.08 -13.32 19.52
C ASN A 274 -17.31 -14.58 19.07
N GLU A 275 -17.86 -15.26 18.07
CA GLU A 275 -17.20 -16.39 17.41
C GLU A 275 -15.91 -15.98 16.69
N ILE A 276 -15.63 -14.69 16.56
CA ILE A 276 -14.24 -14.30 16.30
C ILE A 276 -13.44 -13.95 17.54
N MET A 277 -13.90 -12.98 18.32
CA MET A 277 -13.03 -12.32 19.28
C MET A 277 -12.68 -13.23 20.47
N SER A 278 -13.52 -14.24 20.72
CA SER A 278 -13.18 -15.34 21.64
C SER A 278 -12.13 -16.25 21.01
N THR A 279 -11.20 -15.60 20.34
CA THR A 279 -9.98 -16.19 19.87
C THR A 279 -8.81 -15.53 20.62
N VAL A 280 -9.10 -14.49 21.39
CA VAL A 280 -8.57 -14.37 22.75
C VAL A 280 -9.67 -14.24 23.84
N ASN A 281 -10.66 -15.12 23.81
CA ASN A 281 -11.73 -15.12 24.81
C ASN A 281 -11.91 -13.75 25.40
N ILE A 282 -12.09 -12.79 24.50
CA ILE A 282 -12.61 -11.50 24.85
C ILE A 282 -14.08 -11.51 24.51
N SER A 283 -14.81 -10.65 25.21
CA SER A 283 -16.20 -10.89 25.54
C SER A 283 -17.03 -9.77 24.94
N ILE A 284 -18.11 -10.10 24.23
CA ILE A 284 -18.75 -9.12 23.35
C ILE A 284 -20.27 -9.18 23.32
N THR A 285 -20.87 -8.15 23.92
CA THR A 285 -22.30 -8.10 24.15
C THR A 285 -23.01 -7.04 23.28
N ASN A 286 -24.33 -7.16 23.16
CA ASN A 286 -25.10 -6.45 22.14
C ASN A 286 -25.12 -4.92 22.34
N GLU A 287 -24.21 -4.38 23.15
CA GLU A 287 -24.03 -2.95 23.25
C GLU A 287 -22.58 -2.57 23.04
N GLU A 288 -21.82 -3.49 22.47
CA GLU A 288 -20.59 -3.14 21.75
C GLU A 288 -20.82 -1.97 20.78
N ASP A 289 -19.99 -0.93 20.91
CA ASP A 289 -19.94 0.08 19.87
C ASP A 289 -19.19 -0.46 18.67
N VAL A 290 -19.60 -0.02 17.49
CA VAL A 290 -19.03 -0.52 16.24
C VAL A 290 -19.09 0.51 15.11
N VAL A 291 -17.95 0.80 14.51
CA VAL A 291 -17.91 1.67 13.36
C VAL A 291 -18.19 0.90 12.08
N VAL A 292 -19.24 1.29 11.38
CA VAL A 292 -19.63 0.66 10.13
C VAL A 292 -19.22 1.50 8.92
N TYR A 293 -18.41 0.95 8.02
CA TYR A 293 -17.94 1.69 6.87
C TYR A 293 -18.81 1.40 5.65
N ALA A 294 -19.63 0.36 5.67
CA ALA A 294 -20.36 0.02 4.45
C ALA A 294 -21.82 -0.34 4.73
N PRO A 295 -22.46 0.54 5.47
CA PRO A 295 -23.91 0.52 5.65
C PRO A 295 -24.61 -0.11 4.47
N GLU A 296 -24.57 0.61 3.38
CA GLU A 296 -25.23 0.24 2.14
C GLU A 296 -24.76 -1.09 1.56
N TYR A 297 -23.48 -1.44 1.75
CA TYR A 297 -23.01 -2.70 1.22
C TYR A 297 -23.83 -3.82 1.86
N LEU A 298 -24.19 -3.63 3.12
CA LEU A 298 -24.96 -4.67 3.81
C LEU A 298 -26.44 -4.53 3.58
N THR A 299 -26.90 -3.32 3.35
CA THR A 299 -28.28 -3.22 2.94
C THR A 299 -28.39 -4.15 1.76
N LYS A 300 -27.31 -4.24 0.99
CA LYS A 300 -27.42 -4.51 -0.44
C LYS A 300 -27.23 -6.00 -0.67
N LEU A 301 -26.61 -6.62 0.32
CA LEU A 301 -26.19 -8.03 0.33
C LEU A 301 -27.35 -8.99 0.68
N LYS A 302 -28.19 -8.58 1.62
CA LYS A 302 -29.35 -9.38 2.02
C LYS A 302 -30.01 -9.95 0.77
N PRO A 303 -30.35 -9.05 -0.14
CA PRO A 303 -30.98 -9.40 -1.43
C PRO A 303 -30.13 -10.40 -2.20
N ILE A 304 -28.82 -10.31 -2.04
CA ILE A 304 -27.88 -11.21 -2.71
C ILE A 304 -27.77 -12.56 -1.99
N LEU A 305 -27.33 -12.51 -0.74
CA LEU A 305 -27.06 -13.71 0.02
C LEU A 305 -28.36 -14.50 0.19
N THR A 306 -29.48 -13.80 0.03
CA THR A 306 -30.79 -14.40 0.09
C THR A 306 -30.85 -15.59 -0.85
N LYS A 307 -30.24 -15.46 -2.01
CA LYS A 307 -30.48 -16.42 -3.09
C LYS A 307 -29.37 -17.47 -3.23
N TYR A 308 -28.48 -17.58 -2.24
CA TYR A 308 -27.34 -18.49 -2.43
C TYR A 308 -27.35 -19.58 -1.38
N SER A 309 -26.94 -20.78 -1.81
CA SER A 309 -26.80 -21.94 -0.94
C SER A 309 -25.66 -21.75 0.06
N ALA A 310 -25.73 -22.48 1.16
CA ALA A 310 -24.55 -22.64 1.98
C ALA A 310 -23.33 -23.04 1.12
N ARG A 311 -23.54 -23.84 0.09
CA ARG A 311 -22.42 -24.32 -0.74
C ARG A 311 -21.97 -23.27 -1.72
N ASP A 312 -22.96 -22.62 -2.33
CA ASP A 312 -22.69 -21.46 -3.18
C ASP A 312 -21.59 -20.57 -2.60
N LEU A 313 -21.68 -20.27 -1.31
CA LEU A 313 -20.86 -19.23 -0.73
C LEU A 313 -19.46 -19.70 -0.29
N GLN A 314 -19.37 -20.95 0.17
CA GLN A 314 -18.11 -21.44 0.72
C GLN A 314 -17.14 -21.76 -0.42
N ASN A 315 -17.69 -21.99 -1.61
CA ASN A 315 -16.85 -22.16 -2.79
C ASN A 315 -16.11 -20.88 -3.15
N LEU A 316 -16.80 -19.75 -3.03
CA LEU A 316 -16.21 -18.43 -3.12
C LEU A 316 -15.25 -18.19 -1.96
N MET A 317 -15.72 -18.32 -0.74
CA MET A 317 -14.93 -17.86 0.40
C MET A 317 -13.71 -18.73 0.58
N SER A 318 -13.88 -20.02 0.42
CA SER A 318 -12.77 -20.94 0.50
C SER A 318 -11.81 -20.74 -0.67
N TRP A 319 -12.32 -20.42 -1.85
CA TRP A 319 -11.45 -20.20 -3.00
C TRP A 319 -10.77 -18.84 -2.98
N ARG A 320 -11.11 -18.01 -2.00
CA ARG A 320 -10.47 -16.73 -1.85
C ARG A 320 -9.34 -16.80 -0.84
N PHE A 321 -9.43 -17.73 0.11
CA PHE A 321 -8.25 -18.15 0.88
C PHE A 321 -7.27 -18.89 0.02
N ILE A 322 -7.75 -19.74 -0.86
CA ILE A 322 -6.89 -20.80 -1.40
C ILE A 322 -6.05 -20.18 -2.49
N MET A 323 -6.66 -19.19 -3.15
CA MET A 323 -5.97 -18.27 -4.03
C MET A 323 -4.58 -18.02 -3.55
N ASP A 324 -4.51 -17.30 -2.44
CA ASP A 324 -3.23 -16.79 -1.91
C ASP A 324 -2.27 -17.90 -1.47
N LEU A 325 -2.81 -18.98 -0.92
CA LEU A 325 -1.99 -20.02 -0.36
C LEU A 325 -1.22 -20.72 -1.47
N VAL A 326 -1.77 -20.63 -2.67
CA VAL A 326 -1.33 -21.48 -3.75
C VAL A 326 0.16 -21.30 -4.08
N SER A 327 0.72 -20.11 -3.92
CA SER A 327 2.12 -19.91 -4.25
C SER A 327 3.01 -20.43 -3.14
N SER A 328 2.38 -20.88 -2.07
CA SER A 328 3.18 -21.48 -1.00
C SER A 328 3.35 -23.01 -1.15
N LEU A 329 3.07 -23.56 -2.33
CA LEU A 329 3.09 -24.99 -2.52
C LEU A 329 3.93 -25.27 -3.72
N SER A 330 3.72 -26.44 -4.33
CA SER A 330 4.65 -26.99 -5.30
C SER A 330 4.58 -26.21 -6.58
N ARG A 331 5.59 -26.36 -7.43
CA ARG A 331 5.54 -25.74 -8.73
C ARG A 331 4.15 -25.97 -9.27
N THR A 332 3.72 -27.21 -9.21
CA THR A 332 2.55 -27.63 -9.96
C THR A 332 1.36 -26.75 -9.57
N TYR A 333 1.26 -26.38 -8.30
CA TYR A 333 0.25 -25.41 -7.94
C TYR A 333 0.56 -24.00 -8.40
N LYS A 334 1.80 -23.57 -8.26
CA LYS A 334 2.19 -22.22 -8.63
C LYS A 334 1.87 -22.05 -10.10
N GLU A 335 2.41 -22.91 -10.94
CA GLU A 335 1.99 -22.94 -12.34
C GLU A 335 0.56 -22.47 -12.52
N SER A 336 -0.36 -22.91 -11.66
CA SER A 336 -1.79 -22.76 -11.94
C SER A 336 -2.14 -21.33 -12.37
N ARG A 337 -1.22 -20.43 -12.12
CA ARG A 337 -1.56 -19.07 -11.74
C ARG A 337 -0.79 -18.14 -12.65
N ASN A 338 -0.16 -18.71 -13.66
CA ASN A 338 0.47 -17.92 -14.69
C ASN A 338 -0.55 -17.02 -15.32
N ALA A 339 -1.52 -17.58 -16.03
CA ALA A 339 -2.20 -16.73 -17.00
C ALA A 339 -2.85 -15.56 -16.24
N PHE A 340 -3.18 -15.82 -14.98
CA PHE A 340 -3.96 -14.89 -14.18
C PHE A 340 -3.10 -13.72 -13.77
N ARG A 341 -1.81 -13.93 -13.56
CA ARG A 341 -0.90 -12.79 -13.30
C ARG A 341 -0.35 -12.08 -14.54
N LYS A 342 -0.24 -12.78 -15.67
CA LYS A 342 -0.05 -12.09 -16.95
C LYS A 342 -1.22 -11.24 -17.34
N ALA A 343 -2.43 -11.72 -17.09
CA ALA A 343 -3.62 -10.94 -17.35
C ALA A 343 -3.68 -9.70 -16.46
N LEU A 344 -3.18 -9.80 -15.23
CA LEU A 344 -3.24 -8.70 -14.27
C LEU A 344 -2.01 -7.80 -14.26
N TYR A 345 -0.85 -8.38 -14.53
CA TYR A 345 0.41 -7.72 -14.21
C TYR A 345 1.32 -7.69 -15.44
N GLY A 346 0.97 -8.50 -16.44
CA GLY A 346 1.67 -8.50 -17.70
C GLY A 346 2.93 -9.34 -17.73
N THR A 347 3.24 -9.98 -16.61
CA THR A 347 4.54 -10.61 -16.44
C THR A 347 4.45 -12.04 -16.98
N THR A 348 5.56 -12.55 -17.45
CA THR A 348 5.59 -13.85 -18.09
C THR A 348 6.31 -14.84 -17.18
N SER A 349 6.83 -14.33 -16.08
CA SER A 349 7.55 -15.14 -15.12
C SER A 349 7.34 -14.60 -13.71
N GLU A 350 7.55 -15.42 -12.69
CA GLU A 350 7.79 -14.83 -11.37
C GLU A 350 9.21 -14.42 -11.12
N THR A 351 9.30 -13.49 -10.19
CA THR A 351 10.52 -12.98 -9.61
C THR A 351 11.28 -14.04 -8.86
N ALA A 352 12.57 -13.85 -8.78
CA ALA A 352 13.48 -14.77 -8.09
C ALA A 352 12.98 -15.15 -6.68
N THR A 353 13.07 -16.44 -6.40
CA THR A 353 12.59 -17.01 -5.16
C THR A 353 13.25 -16.35 -3.93
N TRP A 354 14.54 -16.11 -3.97
CA TRP A 354 15.20 -15.45 -2.86
C TRP A 354 14.60 -14.09 -2.68
N ARG A 355 14.18 -13.50 -3.78
CA ARG A 355 13.50 -12.24 -3.70
C ARG A 355 12.15 -12.34 -3.02
N ARG A 356 11.23 -13.11 -3.56
CA ARG A 356 9.90 -13.15 -2.98
C ARG A 356 10.11 -13.35 -1.48
N CYS A 357 11.24 -13.96 -1.16
CA CYS A 357 11.38 -14.69 0.08
C CYS A 357 11.96 -13.77 1.12
N ALA A 358 13.08 -13.13 0.78
CA ALA A 358 13.48 -11.94 1.52
C ALA A 358 12.28 -11.12 1.87
N ASN A 359 11.46 -10.81 0.88
CA ASN A 359 10.40 -9.87 1.13
C ASN A 359 9.38 -10.39 2.07
N TYR A 360 9.18 -11.70 2.12
CA TYR A 360 8.18 -12.24 3.03
C TYR A 360 8.61 -12.08 4.51
N VAL A 361 9.89 -12.29 4.83
CA VAL A 361 10.23 -12.26 6.23
C VAL A 361 10.36 -10.80 6.63
N ASN A 362 10.90 -10.00 5.71
CA ASN A 362 10.96 -8.57 5.93
C ASN A 362 9.62 -8.03 6.37
N GLY A 363 8.58 -8.57 5.74
CA GLY A 363 7.20 -8.15 5.98
C GLY A 363 6.62 -8.77 7.24
N ASN A 364 7.16 -9.92 7.66
CA ASN A 364 6.52 -10.66 8.72
C ASN A 364 7.24 -10.47 10.00
N MET A 365 8.45 -9.94 9.86
CA MET A 365 9.42 -9.88 10.91
C MET A 365 10.17 -8.59 10.69
N GLU A 366 9.46 -7.47 10.55
CA GLU A 366 10.05 -6.22 10.06
C GLU A 366 11.10 -5.66 10.98
N ASN A 367 10.93 -5.88 12.27
CA ASN A 367 11.79 -5.24 13.24
C ASN A 367 13.11 -5.94 13.22
N ALA A 368 13.01 -7.26 13.22
CA ALA A 368 14.15 -8.15 13.22
C ALA A 368 14.91 -8.05 11.92
N VAL A 369 14.19 -7.83 10.82
CA VAL A 369 14.88 -7.63 9.56
C VAL A 369 15.35 -6.20 9.55
N GLY A 370 14.51 -5.34 10.11
CA GLY A 370 14.86 -3.95 10.27
C GLY A 370 16.27 -3.85 10.74
N ARG A 371 16.59 -4.56 11.82
CA ARG A 371 17.87 -4.45 12.50
C ARG A 371 19.06 -4.66 11.57
N LEU A 372 19.01 -5.77 10.84
CA LEU A 372 20.08 -6.21 9.96
C LEU A 372 20.37 -5.25 8.81
N TYR A 373 19.32 -4.65 8.26
CA TYR A 373 19.49 -3.73 7.16
C TYR A 373 20.30 -2.51 7.56
N VAL A 374 20.05 -2.00 8.75
CA VAL A 374 20.69 -0.76 9.20
C VAL A 374 22.17 -0.98 9.43
N GLU A 375 22.49 -2.05 10.17
CA GLU A 375 23.87 -2.53 10.29
C GLU A 375 24.59 -2.73 8.95
N ALA A 376 23.93 -3.35 7.97
CA ALA A 376 24.60 -3.55 6.69
C ALA A 376 24.87 -2.20 6.05
N ALA A 377 23.96 -1.25 6.24
CA ALA A 377 23.36 -0.55 5.12
C ALA A 377 23.22 0.97 5.33
N PHE A 378 23.04 1.41 6.57
CA PHE A 378 22.54 2.75 6.81
C PHE A 378 23.25 3.42 7.99
N ALA A 379 23.57 4.69 7.81
CA ALA A 379 24.85 5.24 8.23
C ALA A 379 24.75 5.90 9.61
N GLY A 380 23.60 6.48 9.90
CA GLY A 380 23.20 6.70 11.29
C GLY A 380 23.21 8.17 11.72
N GLU A 381 24.13 8.96 11.18
CA GLU A 381 24.18 10.39 11.48
C GLU A 381 23.19 11.06 10.56
N SER A 382 23.17 10.55 9.34
CA SER A 382 21.94 10.44 8.63
C SER A 382 20.80 10.91 9.56
N LYS A 383 20.41 10.06 10.51
CA LYS A 383 19.18 10.31 11.25
C LYS A 383 19.10 11.77 11.65
N HIS A 384 20.26 12.41 11.78
CA HIS A 384 20.34 13.72 12.40
C HIS A 384 20.26 14.84 11.36
N VAL A 385 20.88 14.64 10.19
CA VAL A 385 20.67 15.62 9.14
C VAL A 385 19.23 15.64 8.68
N VAL A 386 18.59 14.47 8.67
CA VAL A 386 17.20 14.45 8.25
C VAL A 386 16.43 15.35 9.19
N GLU A 387 16.49 15.07 10.48
CA GLU A 387 15.57 15.67 11.42
C GLU A 387 15.51 17.18 11.19
N ASP A 388 16.68 17.77 11.05
CA ASP A 388 16.83 19.19 10.81
C ASP A 388 16.20 19.58 9.48
N LEU A 389 16.57 18.89 8.42
CA LEU A 389 15.86 19.00 7.15
C LEU A 389 14.36 19.06 7.38
N ILE A 390 13.89 18.25 8.31
CA ILE A 390 12.48 18.11 8.59
C ILE A 390 12.02 19.34 9.32
N ALA A 391 12.83 19.70 10.31
CA ALA A 391 12.71 20.99 10.95
C ALA A 391 12.43 21.98 9.86
N GLN A 392 13.42 22.17 9.01
CA GLN A 392 13.35 23.17 7.98
C GLN A 392 11.97 23.13 7.34
N ILE A 393 11.54 21.95 6.90
CA ILE A 393 10.37 21.91 6.03
C ILE A 393 9.09 22.17 6.84
N ARG A 394 9.13 21.79 8.11
CA ARG A 394 8.08 22.18 9.04
C ARG A 394 7.82 23.66 9.00
N GLU A 395 8.84 24.44 9.38
CA GLU A 395 8.70 25.90 9.45
C GLU A 395 8.13 26.40 8.16
N VAL A 396 8.75 26.00 7.05
CA VAL A 396 8.36 26.57 5.78
C VAL A 396 6.89 26.27 5.58
N PHE A 397 6.43 25.17 6.15
CA PHE A 397 5.03 24.86 6.03
C PHE A 397 4.21 25.81 6.86
N ILE A 398 4.77 26.14 8.02
CA ILE A 398 4.29 27.22 8.87
C ILE A 398 4.39 28.57 8.19
N GLN A 399 5.60 28.94 7.77
CA GLN A 399 5.77 30.09 6.89
C GLN A 399 4.47 30.47 6.22
N THR A 400 3.86 29.50 5.57
CA THR A 400 3.30 29.69 4.24
C THR A 400 1.82 29.99 4.36
N LEU A 401 1.18 29.47 5.40
CA LEU A 401 -0.27 29.60 5.49
C LEU A 401 -0.56 31.11 5.48
N ASP A 402 0.30 31.88 6.15
CA ASP A 402 0.11 33.32 6.23
C ASP A 402 -0.13 33.80 4.81
N ASP A 403 0.60 33.17 3.89
CA ASP A 403 0.69 33.62 2.52
C ASP A 403 -0.43 33.01 1.71
N LEU A 404 -1.15 32.03 2.26
CA LEU A 404 -2.28 31.45 1.55
C LEU A 404 -3.56 32.21 1.80
N THR A 405 -4.26 32.54 0.72
CA THR A 405 -5.28 33.56 0.77
C THR A 405 -6.67 32.95 0.85
N TRP A 406 -6.74 31.62 0.85
CA TRP A 406 -8.01 30.97 0.61
C TRP A 406 -8.60 30.56 1.96
N MET A 407 -7.82 30.78 3.00
CA MET A 407 -8.25 30.51 4.38
C MET A 407 -8.56 31.75 5.18
N ASP A 408 -9.32 31.53 6.24
CA ASP A 408 -9.57 32.54 7.24
C ASP A 408 -8.70 32.17 8.40
N ALA A 409 -8.47 33.10 9.33
CA ALA A 409 -7.30 32.99 10.19
C ALA A 409 -7.59 32.28 11.52
N GLU A 410 -8.84 32.00 11.84
CA GLU A 410 -9.07 31.00 12.85
C GLU A 410 -8.47 29.71 12.27
N THR A 411 -8.85 29.39 11.04
CA THR A 411 -8.40 28.15 10.45
C THR A 411 -6.91 28.19 10.16
N LYS A 412 -6.42 29.31 9.65
CA LYS A 412 -4.99 29.36 9.37
C LYS A 412 -4.35 28.84 10.62
N LYS A 413 -4.87 29.22 11.78
CA LYS A 413 -4.07 29.17 13.02
C LYS A 413 -4.16 27.82 13.73
N ARG A 414 -5.30 27.14 13.64
CA ARG A 414 -5.30 25.80 14.16
C ARG A 414 -4.36 24.96 13.32
N ALA A 415 -4.60 24.93 12.02
CA ALA A 415 -3.68 24.31 11.08
C ALA A 415 -2.27 24.39 11.64
N GLU A 416 -1.82 25.60 11.91
CA GLU A 416 -0.59 25.73 12.64
C GLU A 416 -0.62 24.64 13.70
N GLU A 417 -1.75 24.50 14.38
CA GLU A 417 -1.79 23.60 15.52
C GLU A 417 -1.25 22.19 15.15
N LYS A 418 -1.66 21.64 14.01
CA LYS A 418 -1.16 20.32 13.57
C LYS A 418 0.34 20.39 13.21
N ALA A 419 0.70 21.34 12.36
CA ALA A 419 2.05 21.88 12.37
C ALA A 419 2.96 21.19 13.32
N LEU A 420 3.26 21.92 14.40
CA LEU A 420 4.38 21.62 15.28
C LEU A 420 4.10 20.35 16.03
N ALA A 421 2.85 19.92 15.90
CA ALA A 421 2.32 18.75 16.56
C ALA A 421 2.66 17.50 15.77
N ILE A 422 3.08 17.68 14.52
CA ILE A 422 3.53 16.54 13.75
C ILE A 422 4.75 15.95 14.45
N LYS A 423 4.69 14.65 14.69
CA LYS A 423 5.83 13.90 15.20
C LYS A 423 6.47 13.16 14.07
N GLU A 424 7.79 13.09 14.10
CA GLU A 424 8.55 12.59 12.97
C GLU A 424 9.21 11.28 13.38
N ARG A 425 9.45 10.41 12.40
CA ARG A 425 10.20 9.16 12.65
C ARG A 425 11.25 8.96 11.57
N ILE A 426 12.48 8.65 11.97
CA ILE A 426 13.60 8.66 11.04
C ILE A 426 14.43 7.43 11.24
N GLY A 427 14.68 6.68 10.15
CA GLY A 427 15.52 5.50 10.20
C GLY A 427 14.82 4.30 10.81
N TYR A 428 15.00 4.13 12.12
CA TYR A 428 14.55 2.94 12.80
C TYR A 428 14.49 3.25 14.29
N PRO A 429 13.57 2.62 15.01
CA PRO A 429 13.73 2.46 16.45
C PRO A 429 15.18 2.11 16.74
N ASP A 430 15.87 3.00 17.46
CA ASP A 430 17.03 2.60 18.23
C ASP A 430 16.66 1.37 19.03
N ASP A 431 15.39 1.23 19.37
CA ASP A 431 14.95 0.03 19.98
C ASP A 431 15.87 -1.01 19.42
N ILE A 432 15.76 -1.22 18.10
CA ILE A 432 15.89 -2.56 17.55
C ILE A 432 17.36 -2.99 17.42
N VAL A 433 18.27 -2.05 17.62
CA VAL A 433 19.66 -2.40 17.88
C VAL A 433 19.92 -2.63 19.36
N SER A 434 19.18 -1.92 20.19
CA SER A 434 19.58 -1.71 21.57
C SER A 434 19.21 -2.94 22.37
N ASN A 435 18.02 -3.46 22.13
CA ASN A 435 17.22 -4.09 23.16
C ASN A 435 16.84 -5.50 22.78
N ASP A 436 17.74 -6.44 23.00
CA ASP A 436 17.51 -7.77 22.47
C ASP A 436 16.18 -8.36 22.99
N ASN A 437 15.95 -8.31 24.30
CA ASN A 437 14.73 -8.89 24.89
C ASN A 437 13.41 -8.57 24.18
N LYS A 438 13.10 -7.28 24.11
CA LYS A 438 11.91 -6.84 23.40
C LYS A 438 11.90 -7.58 22.09
N LEU A 439 13.04 -7.53 21.40
CA LEU A 439 13.10 -8.09 20.05
C LEU A 439 12.73 -9.57 20.10
N ASN A 440 13.55 -10.35 20.78
CA ASN A 440 13.27 -11.77 20.99
C ASN A 440 11.85 -11.88 21.48
N ASN A 441 11.42 -10.89 22.21
CA ASN A 441 10.15 -11.01 22.90
C ASN A 441 8.94 -10.91 21.99
N GLU A 442 9.05 -10.15 20.91
CA GLU A 442 7.89 -9.92 20.05
C GLU A 442 7.75 -11.07 19.08
N TYR A 443 8.79 -11.88 18.99
CA TYR A 443 8.79 -13.05 18.11
C TYR A 443 8.63 -14.36 18.89
N LEU A 444 8.71 -14.28 20.22
CA LEU A 444 8.78 -15.46 21.07
C LEU A 444 7.66 -16.47 20.89
N GLU A 445 6.46 -16.06 20.54
CA GLU A 445 5.49 -17.09 20.23
C GLU A 445 5.86 -17.77 18.92
N LEU A 446 6.95 -17.34 18.29
CA LEU A 446 7.25 -17.89 17.00
C LEU A 446 8.20 -19.05 17.09
N ASN A 447 7.86 -20.13 16.41
CA ASN A 447 8.84 -21.16 16.13
C ASN A 447 8.70 -21.89 14.81
N TYR A 448 9.80 -21.85 14.06
CA TYR A 448 9.80 -22.18 12.64
C TYR A 448 10.55 -23.48 12.40
N LYS A 449 9.95 -24.37 11.63
CA LYS A 449 10.60 -25.61 11.25
C LYS A 449 11.02 -25.60 9.77
N GLU A 450 12.32 -25.60 9.52
CA GLU A 450 12.86 -25.34 8.19
C GLU A 450 12.36 -26.29 7.06
N ASP A 451 11.76 -27.43 7.38
CA ASP A 451 11.09 -28.18 6.33
C ASP A 451 9.58 -27.93 6.30
N GLU A 452 9.17 -26.74 6.70
CA GLU A 452 7.78 -26.50 7.01
C GLU A 452 7.29 -25.13 6.54
N TYR A 453 7.60 -24.76 5.29
CA TYR A 453 7.34 -23.39 4.87
C TYR A 453 5.86 -23.10 5.04
N PHE A 454 5.01 -23.99 4.56
CA PHE A 454 3.58 -23.73 4.62
C PHE A 454 3.24 -23.45 6.07
N GLU A 455 3.67 -24.38 6.90
CA GLU A 455 3.31 -24.40 8.30
C GLU A 455 3.68 -23.08 8.97
N ASN A 456 4.78 -22.51 8.53
CA ASN A 456 5.20 -21.21 9.02
C ASN A 456 4.33 -20.12 8.38
N ILE A 457 4.15 -20.22 7.09
CA ILE A 457 3.21 -19.34 6.44
C ILE A 457 2.00 -19.27 7.29
N ILE A 458 1.55 -20.41 7.78
CA ILE A 458 0.22 -20.50 8.38
C ILE A 458 0.24 -19.99 9.81
N GLN A 459 1.28 -20.35 10.54
CA GLN A 459 1.60 -19.71 11.78
C GLN A 459 1.51 -18.22 11.55
N ASN A 460 2.41 -17.72 10.69
CA ASN A 460 2.65 -16.27 10.63
C ASN A 460 1.30 -15.61 10.43
N LEU A 461 0.45 -16.19 9.58
CA LEU A 461 -0.89 -15.67 9.45
C LEU A 461 -1.49 -15.57 10.86
N LYS A 462 -1.74 -16.72 11.51
CA LYS A 462 -2.53 -16.78 12.74
C LYS A 462 -1.89 -15.88 13.77
N PHE A 463 -0.58 -15.82 13.74
CA PHE A 463 0.10 -14.75 14.45
C PHE A 463 -0.77 -13.57 14.19
N SER A 464 -0.43 -12.84 13.14
CA SER A 464 -0.69 -11.43 13.07
C SER A 464 -2.15 -11.11 13.40
N GLN A 465 -3.06 -12.00 13.03
CA GLN A 465 -4.47 -11.74 13.25
C GLN A 465 -4.77 -11.65 14.73
N SER A 466 -4.33 -12.67 15.46
CA SER A 466 -4.46 -12.69 16.92
C SER A 466 -3.66 -11.54 17.50
N LYS A 467 -2.54 -11.23 16.89
CA LYS A 467 -1.79 -10.06 17.26
C LYS A 467 -2.69 -8.84 17.12
N GLN A 468 -3.63 -8.91 16.17
CA GLN A 468 -4.46 -7.77 15.80
C GLN A 468 -5.71 -7.77 16.66
N LEU A 469 -6.30 -8.94 16.82
CA LEU A 469 -7.52 -9.02 17.62
C LEU A 469 -7.20 -8.63 19.05
N LYS A 470 -5.92 -8.79 19.42
CA LYS A 470 -5.48 -8.70 20.81
C LYS A 470 -5.96 -7.39 21.40
N LYS A 471 -6.37 -6.49 20.52
CA LYS A 471 -6.10 -5.05 20.63
C LYS A 471 -7.34 -4.25 21.02
N LEU A 472 -8.51 -4.82 20.79
CA LEU A 472 -9.75 -4.12 21.09
C LEU A 472 -9.57 -3.15 22.25
N ARG A 473 -9.16 -3.69 23.40
CA ARG A 473 -9.35 -3.00 24.66
C ARG A 473 -8.04 -2.45 25.15
N GLU A 474 -7.02 -2.43 24.31
CA GLU A 474 -5.76 -1.82 24.69
C GLU A 474 -5.62 -0.41 24.14
N LYS A 475 -4.74 0.36 24.74
CA LYS A 475 -4.48 1.68 24.23
C LYS A 475 -3.40 1.55 23.15
N VAL A 476 -3.72 2.07 21.96
CA VAL A 476 -2.70 2.43 20.99
C VAL A 476 -1.35 2.53 21.66
N ASP A 477 -0.42 1.67 21.25
CA ASP A 477 0.96 1.86 21.66
C ASP A 477 1.56 3.12 21.07
N LYS A 478 1.81 4.13 21.90
CA LYS A 478 2.45 5.33 21.37
C LYS A 478 3.76 4.99 20.67
N ASP A 479 4.36 3.85 20.99
CA ASP A 479 5.77 3.67 20.68
C ASP A 479 5.95 3.08 19.28
N GLU A 480 4.87 2.57 18.71
CA GLU A 480 4.94 1.64 17.60
C GLU A 480 5.15 2.38 16.26
N TRP A 481 5.91 1.78 15.36
CA TRP A 481 6.13 2.32 14.00
C TRP A 481 5.20 1.72 12.93
N ILE A 482 4.87 2.51 11.91
CA ILE A 482 4.09 1.98 10.79
C ILE A 482 4.94 1.36 9.68
N SER A 483 6.21 1.71 9.61
CA SER A 483 7.04 1.02 8.63
C SER A 483 8.07 0.22 9.36
N GLY A 484 8.38 -0.97 8.84
CA GLY A 484 9.69 -1.52 9.04
C GLY A 484 10.66 -0.48 8.59
N ALA A 485 11.92 -0.61 9.00
CA ALA A 485 12.94 0.33 8.55
C ALA A 485 13.24 0.00 7.11
N ALA A 486 12.69 -1.11 6.66
CA ALA A 486 13.40 -2.03 5.79
C ALA A 486 13.07 -1.64 4.38
N VAL A 487 12.53 -0.44 4.24
CA VAL A 487 11.52 -0.13 3.22
C VAL A 487 11.84 1.17 2.51
N VAL A 488 11.52 1.21 1.24
CA VAL A 488 11.80 2.38 0.44
C VAL A 488 10.53 3.14 0.12
N ASN A 489 9.93 3.74 1.13
CA ASN A 489 8.81 4.60 0.96
C ASN A 489 8.87 5.57 2.09
N ALA A 490 7.91 6.48 2.18
CA ALA A 490 7.71 7.16 3.45
C ALA A 490 6.25 7.38 3.60
N PHE A 491 5.81 7.79 4.78
CA PHE A 491 4.40 7.67 5.14
C PHE A 491 3.88 8.87 5.93
N TYR A 492 2.56 8.98 6.04
CA TYR A 492 1.91 9.83 7.00
C TYR A 492 0.70 9.13 7.60
N SER A 493 0.48 9.27 8.92
CA SER A 493 -0.72 8.72 9.53
C SER A 493 -1.66 9.79 9.99
N SER A 494 -2.97 9.50 10.01
CA SER A 494 -3.95 10.37 10.66
C SER A 494 -4.06 10.12 12.18
N GLY A 495 -4.21 8.86 12.59
CA GLY A 495 -4.25 8.50 14.00
C GLY A 495 -3.13 9.17 14.74
N ARG A 496 -1.98 9.22 14.10
CA ARG A 496 -0.77 9.37 14.87
C ARG A 496 -0.37 10.84 14.83
N ASN A 497 -0.85 11.54 13.78
CA ASN A 497 -0.21 12.73 13.27
C ASN A 497 1.29 12.53 13.11
N GLN A 498 1.67 11.58 12.28
CA GLN A 498 3.08 11.16 12.26
C GLN A 498 3.60 11.09 10.83
N ILE A 499 4.82 11.55 10.66
CA ILE A 499 5.52 11.39 9.41
C ILE A 499 6.63 10.37 9.65
N VAL A 500 6.79 9.42 8.72
CA VAL A 500 7.74 8.31 8.85
C VAL A 500 8.68 8.29 7.67
N PHE A 501 9.97 8.17 7.93
CA PHE A 501 10.92 8.08 6.84
C PHE A 501 11.90 6.99 7.15
N PRO A 502 11.48 5.77 6.82
CA PRO A 502 12.34 4.58 6.80
C PRO A 502 13.73 4.75 6.22
N ALA A 503 14.71 4.14 6.87
CA ALA A 503 16.06 4.18 6.33
C ALA A 503 16.02 3.89 4.81
N GLY A 504 15.04 3.11 4.36
CA GLY A 504 15.01 2.62 2.99
C GLY A 504 14.94 3.74 1.97
N ILE A 505 14.21 4.80 2.28
CA ILE A 505 14.35 6.01 1.47
C ILE A 505 15.61 6.80 1.87
N LEU A 506 16.04 6.71 3.11
CA LEU A 506 17.10 7.63 3.51
C LEU A 506 18.36 7.34 2.73
N GLN A 507 18.32 7.55 1.43
CA GLN A 507 19.42 7.13 0.59
C GLN A 507 19.20 7.70 -0.77
N PRO A 508 20.24 7.70 -1.57
CA PRO A 508 20.22 8.31 -2.91
C PRO A 508 19.18 7.67 -3.77
N PRO A 509 18.50 8.42 -4.63
CA PRO A 509 18.82 9.82 -4.91
C PRO A 509 18.14 10.85 -3.98
N PHE A 510 17.30 10.44 -3.04
CA PHE A 510 16.60 11.44 -2.25
C PHE A 510 17.60 12.16 -1.32
N PHE A 511 18.53 11.45 -0.71
CA PHE A 511 19.45 12.09 0.24
C PHE A 511 20.76 11.33 0.35
N SER A 512 21.87 12.07 0.35
CA SER A 512 23.10 11.63 1.00
C SER A 512 23.80 12.83 1.63
N ALA A 513 24.45 12.61 2.76
CA ALA A 513 25.14 13.68 3.43
C ALA A 513 25.94 14.43 2.38
N GLN A 514 26.19 13.76 1.27
CA GLN A 514 27.36 14.06 0.46
C GLN A 514 27.06 14.71 -0.88
N GLN A 515 25.89 14.44 -1.47
CA GLN A 515 25.60 15.05 -2.74
C GLN A 515 25.24 16.48 -2.44
N SER A 516 24.97 17.25 -3.50
CA SER A 516 24.58 18.64 -3.31
C SER A 516 23.15 18.72 -2.81
N ASN A 517 22.83 19.85 -2.18
CA ASN A 517 21.71 19.94 -1.27
C ASN A 517 20.48 20.28 -2.10
N SER A 518 20.72 20.97 -3.20
CA SER A 518 19.83 21.03 -4.34
C SER A 518 19.01 19.77 -4.62
N LEU A 519 19.69 18.63 -4.64
CA LEU A 519 19.09 17.34 -4.90
C LEU A 519 18.50 16.71 -3.65
N ASN A 520 19.03 17.11 -2.50
CA ASN A 520 18.45 16.71 -1.24
C ASN A 520 17.08 17.32 -1.00
N TYR A 521 16.96 18.60 -1.27
CA TYR A 521 15.66 19.25 -1.19
C TYR A 521 14.84 18.84 -2.40
N GLY A 522 15.50 18.61 -3.52
CA GLY A 522 14.79 18.06 -4.67
C GLY A 522 14.14 16.72 -4.36
N GLY A 523 14.74 16.01 -3.41
CA GLY A 523 14.57 14.57 -3.23
C GLY A 523 13.79 14.20 -1.98
N ILE A 524 14.50 13.84 -0.91
CA ILE A 524 13.89 13.54 0.38
C ILE A 524 13.08 14.75 0.81
N GLY A 525 13.60 15.91 0.48
CA GLY A 525 12.98 17.17 0.88
C GLY A 525 11.54 17.27 0.42
N MET A 526 11.32 17.01 -0.87
CA MET A 526 9.99 17.07 -1.45
C MET A 526 9.18 15.93 -0.86
N VAL A 527 9.87 14.86 -0.50
CA VAL A 527 9.23 13.73 0.16
C VAL A 527 8.78 14.08 1.58
N ILE A 528 9.51 14.90 2.27
CA ILE A 528 9.11 15.20 3.65
C ILE A 528 7.88 16.05 3.66
N GLY A 529 7.79 16.91 2.67
CA GLY A 529 6.62 17.74 2.53
C GLY A 529 5.48 16.97 1.91
N HIS A 530 5.80 15.86 1.25
CA HIS A 530 4.74 15.04 0.72
C HIS A 530 4.02 14.57 1.93
N GLU A 531 4.74 13.94 2.84
CA GLU A 531 4.03 13.35 3.98
C GLU A 531 3.35 14.37 4.85
N ILE A 532 4.06 15.45 5.19
CA ILE A 532 3.49 16.47 6.08
C ILE A 532 2.21 16.99 5.50
N THR A 533 2.24 17.22 4.19
CA THR A 533 1.13 17.86 3.52
C THR A 533 -0.11 17.00 3.60
N HIS A 534 0.11 15.69 3.63
CA HIS A 534 -0.94 14.68 3.85
C HIS A 534 -1.68 14.94 5.16
N GLY A 535 -0.96 15.55 6.10
CA GLY A 535 -1.51 16.57 6.96
C GLY A 535 -2.91 17.01 6.60
N PHE A 536 -3.07 17.55 5.40
CA PHE A 536 -4.16 18.46 5.15
C PHE A 536 -4.87 18.18 3.83
N ASP A 537 -4.57 17.03 3.23
CA ASP A 537 -5.14 16.75 1.91
C ASP A 537 -6.57 16.57 2.22
N ASP A 538 -7.38 16.15 1.25
CA ASP A 538 -8.79 15.91 1.53
C ASP A 538 -9.10 14.82 2.57
N ASN A 539 -8.12 14.01 2.98
CA ASN A 539 -8.36 13.07 4.05
C ASN A 539 -7.96 13.70 5.35
N GLY A 540 -6.66 13.95 5.49
CA GLY A 540 -6.09 14.33 6.76
C GLY A 540 -6.42 15.74 7.22
N ARG A 541 -6.99 16.54 6.31
CA ARG A 541 -7.57 17.85 6.62
C ARG A 541 -8.64 17.71 7.71
N ASN A 542 -9.35 16.59 7.70
CA ASN A 542 -10.36 16.35 8.72
C ASN A 542 -9.82 15.80 10.06
N PHE A 543 -8.51 15.71 10.22
CA PHE A 543 -8.01 15.16 11.46
C PHE A 543 -7.24 16.19 12.21
N ASN A 544 -7.37 16.11 13.54
CA ASN A 544 -6.94 17.14 14.44
C ASN A 544 -5.59 16.74 14.95
N LYS A 545 -5.11 17.46 15.95
CA LYS A 545 -3.71 17.39 16.29
C LYS A 545 -3.36 16.03 16.95
N ASP A 546 -4.39 15.22 17.25
CA ASP A 546 -4.21 14.02 18.09
C ASP A 546 -4.68 12.71 17.42
N GLY A 547 -5.01 12.79 16.15
CA GLY A 547 -5.47 11.61 15.45
C GLY A 547 -6.96 11.65 15.24
N ASP A 548 -7.65 12.58 15.91
CA ASP A 548 -9.09 12.48 16.09
C ASP A 548 -9.83 13.23 15.00
N LEU A 549 -10.86 12.58 14.51
CA LEU A 549 -11.69 13.11 13.47
C LEU A 549 -12.54 14.22 14.04
N VAL A 550 -12.01 15.43 14.08
CA VAL A 550 -12.90 16.49 14.54
C VAL A 550 -12.69 17.80 13.81
N ASP A 551 -13.79 18.46 13.52
CA ASP A 551 -13.84 19.38 12.42
C ASP A 551 -13.30 20.71 12.94
N TRP A 552 -12.24 21.18 12.33
CA TRP A 552 -11.57 22.37 12.83
C TRP A 552 -11.47 23.39 11.71
N TRP A 553 -12.36 23.27 10.75
CA TRP A 553 -12.33 24.14 9.61
C TRP A 553 -13.55 25.07 9.69
N THR A 554 -13.29 26.39 9.67
CA THR A 554 -14.31 27.36 9.25
C THR A 554 -15.12 26.86 8.06
N GLN A 555 -16.43 26.76 8.27
CA GLN A 555 -17.41 26.58 7.19
C GLN A 555 -16.89 26.97 5.82
N GLN A 556 -16.42 28.20 5.70
CA GLN A 556 -16.16 28.80 4.39
C GLN A 556 -14.78 28.37 3.94
N SER A 557 -13.92 28.10 4.92
CA SER A 557 -12.59 27.61 4.61
C SER A 557 -12.67 26.17 4.07
N ALA A 558 -13.69 25.44 4.47
CA ALA A 558 -13.92 24.15 3.86
C ALA A 558 -14.23 24.37 2.38
N SER A 559 -15.21 25.23 2.11
CA SER A 559 -15.83 25.23 0.80
C SER A 559 -14.78 25.71 -0.16
N ASN A 560 -13.78 26.35 0.42
CA ASN A 560 -12.73 26.94 -0.35
C ASN A 560 -11.72 25.87 -0.73
N PHE A 561 -11.39 25.03 0.25
CA PHE A 561 -10.52 23.89 0.05
C PHE A 561 -11.04 23.13 -1.16
N LYS A 562 -12.31 22.74 -1.07
CA LYS A 562 -12.91 21.91 -2.10
C LYS A 562 -12.77 22.72 -3.34
N GLU A 563 -12.98 24.00 -3.16
CA GLU A 563 -13.01 24.92 -4.29
C GLU A 563 -11.63 24.85 -4.97
N GLN A 564 -10.56 24.91 -4.18
CA GLN A 564 -9.22 24.90 -4.76
C GLN A 564 -8.90 23.50 -5.27
N SER A 565 -9.18 22.47 -4.48
CA SER A 565 -8.66 21.15 -4.80
C SER A 565 -9.47 20.57 -5.92
N GLN A 566 -10.67 21.09 -6.09
CA GLN A 566 -11.43 20.68 -7.25
C GLN A 566 -10.63 20.98 -8.51
N CYS A 567 -9.69 21.91 -8.44
CA CYS A 567 -8.96 22.28 -9.64
C CYS A 567 -8.06 21.12 -10.09
N MET A 568 -7.28 20.58 -9.16
CA MET A 568 -6.50 19.35 -9.37
C MET A 568 -7.41 18.21 -9.87
N VAL A 569 -8.56 18.04 -9.24
CA VAL A 569 -9.45 17.04 -9.72
C VAL A 569 -9.53 17.13 -11.24
N TYR A 570 -9.62 18.32 -11.77
CA TYR A 570 -9.97 18.44 -13.18
C TYR A 570 -8.71 18.34 -14.05
N GLN A 571 -7.61 18.91 -13.57
CA GLN A 571 -6.32 18.77 -14.24
C GLN A 571 -6.00 17.30 -14.52
N TYR A 572 -5.65 16.55 -13.49
CA TYR A 572 -5.07 15.23 -13.70
C TYR A 572 -6.12 14.40 -14.38
N GLY A 573 -7.37 14.78 -14.18
CA GLY A 573 -8.50 14.07 -14.78
C GLY A 573 -8.57 14.08 -16.29
N ASN A 574 -7.91 15.03 -16.91
CA ASN A 574 -7.94 15.13 -18.35
C ASN A 574 -6.63 14.70 -18.94
N PHE A 575 -5.71 14.31 -18.05
CA PHE A 575 -4.63 13.43 -18.41
C PHE A 575 -5.16 12.10 -18.96
N SER A 576 -4.76 11.75 -20.16
CA SER A 576 -5.04 10.41 -20.65
C SER A 576 -3.76 9.65 -20.88
N TRP A 577 -3.83 8.34 -20.66
CA TRP A 577 -2.63 7.53 -20.45
C TRP A 577 -2.51 6.45 -21.53
N ASP A 578 -1.49 6.58 -22.38
CA ASP A 578 -1.43 5.79 -23.59
C ASP A 578 -1.31 4.35 -23.18
N LEU A 579 -0.50 4.13 -22.16
CA LEU A 579 -0.16 2.81 -21.78
C LEU A 579 -1.40 2.13 -21.26
N ALA A 580 -2.39 2.92 -20.90
CA ALA A 580 -3.66 2.37 -20.43
C ALA A 580 -4.75 2.44 -21.53
N GLY A 581 -4.33 2.45 -22.79
CA GLY A 581 -5.25 2.68 -23.90
C GLY A 581 -5.95 4.03 -23.90
N GLY A 582 -5.26 5.07 -23.45
CA GLY A 582 -5.79 6.42 -23.59
C GLY A 582 -6.77 6.77 -22.48
N GLN A 583 -7.24 5.76 -21.77
CA GLN A 583 -8.06 5.99 -20.58
C GLN A 583 -7.57 7.18 -19.73
N HIS A 584 -8.52 7.86 -19.11
CA HIS A 584 -8.25 9.01 -18.28
C HIS A 584 -8.00 8.52 -16.87
N LEU A 585 -6.94 9.03 -16.26
CA LEU A 585 -6.76 8.91 -14.84
C LEU A 585 -8.10 9.14 -14.14
N ASN A 586 -8.11 8.84 -12.86
CA ASN A 586 -9.24 9.15 -12.00
C ASN A 586 -8.80 10.20 -10.98
N GLY A 587 -9.32 11.42 -11.14
CA GLY A 587 -8.71 12.60 -10.55
C GLY A 587 -9.17 12.75 -9.10
N ILE A 588 -10.29 12.08 -8.78
CA ILE A 588 -10.67 11.96 -7.39
C ILE A 588 -9.91 10.86 -6.67
N ASN A 589 -9.88 9.67 -7.22
CA ASN A 589 -9.20 8.63 -6.50
C ASN A 589 -7.73 9.09 -6.29
N THR A 590 -7.26 10.06 -7.06
CA THR A 590 -5.91 10.58 -6.88
C THR A 590 -5.76 11.94 -6.15
N LEU A 591 -6.85 12.56 -5.70
CA LEU A 591 -6.69 13.92 -5.23
C LEU A 591 -5.57 13.95 -4.19
N GLY A 592 -5.71 13.12 -3.16
CA GLY A 592 -4.91 13.22 -1.97
C GLY A 592 -3.45 13.32 -2.38
N GLU A 593 -2.98 12.30 -3.10
CA GLU A 593 -1.58 12.18 -3.42
C GLU A 593 -1.15 13.26 -4.43
N ASN A 594 -1.96 13.60 -5.40
CA ASN A 594 -1.62 14.76 -6.23
C ASN A 594 -1.45 15.98 -5.34
N ILE A 595 -2.45 16.25 -4.48
CA ILE A 595 -2.44 17.49 -3.72
C ILE A 595 -1.17 17.60 -2.94
N ALA A 596 -0.66 16.48 -2.48
CA ALA A 596 0.48 16.49 -1.58
C ALA A 596 1.81 16.45 -2.31
N ASP A 597 1.81 16.03 -3.56
CA ASP A 597 2.94 16.29 -4.44
C ASP A 597 3.22 17.81 -4.55
N ASN A 598 2.19 18.54 -4.97
CA ASN A 598 2.31 19.97 -5.26
C ASN A 598 2.70 20.77 -4.03
N GLY A 599 2.11 20.42 -2.88
CA GLY A 599 2.46 21.06 -1.63
C GLY A 599 3.91 20.80 -1.31
N GLY A 600 4.29 19.55 -1.40
CA GLY A 600 5.58 19.15 -0.91
C GLY A 600 6.71 19.72 -1.73
N LEU A 601 6.56 19.77 -3.05
CA LEU A 601 7.63 20.25 -3.90
C LEU A 601 7.91 21.71 -3.52
N GLY A 602 6.88 22.54 -3.64
CA GLY A 602 6.99 23.95 -3.24
C GLY A 602 7.44 24.12 -1.82
N GLN A 603 6.75 23.48 -0.90
CA GLN A 603 7.26 23.40 0.44
C GLN A 603 8.79 23.40 0.37
N ALA A 604 9.34 22.59 -0.52
CA ALA A 604 10.72 22.14 -0.39
C ALA A 604 11.68 23.06 -1.12
N TYR A 605 11.25 23.53 -2.28
CA TYR A 605 11.90 24.65 -2.94
C TYR A 605 12.16 25.71 -1.88
N ARG A 606 11.08 26.19 -1.25
CA ARG A 606 11.18 27.26 -0.29
C ARG A 606 12.23 26.92 0.75
N ALA A 607 12.20 25.69 1.24
CA ALA A 607 13.20 25.28 2.18
C ALA A 607 14.58 25.46 1.55
N TYR A 608 14.67 25.31 0.24
CA TYR A 608 15.98 25.30 -0.37
C TYR A 608 16.44 26.73 -0.67
N GLN A 609 15.51 27.58 -1.10
CA GLN A 609 15.80 28.99 -1.24
C GLN A 609 16.36 29.50 0.06
N ASN A 610 15.57 29.46 1.12
CA ASN A 610 16.08 29.73 2.45
C ASN A 610 17.54 29.32 2.62
N TYR A 611 17.91 28.20 2.01
CA TYR A 611 19.27 27.71 2.12
C TYR A 611 20.23 28.55 1.32
N ILE A 612 19.83 28.87 0.10
CA ILE A 612 20.29 30.07 -0.55
C ILE A 612 20.64 31.10 0.51
N LYS A 613 19.61 31.76 0.97
CA LYS A 613 19.77 32.95 1.77
C LYS A 613 20.94 32.72 2.71
N LYS A 614 20.83 31.77 3.62
CA LYS A 614 21.63 31.82 4.83
C LYS A 614 22.99 31.13 4.63
N ASN A 615 23.11 30.37 3.55
CA ASN A 615 24.30 29.54 3.36
C ASN A 615 25.06 29.91 2.08
N GLY A 616 24.35 30.51 1.12
CA GLY A 616 24.94 30.92 -0.14
C GLY A 616 25.16 29.79 -1.13
N GLU A 617 25.24 30.16 -2.41
CA GLU A 617 25.10 29.24 -3.54
C GLU A 617 26.33 28.30 -3.62
N GLU A 618 26.13 27.11 -4.18
CA GLU A 618 27.05 25.99 -3.97
C GLU A 618 27.72 25.56 -5.28
N LYS A 619 28.87 24.92 -5.17
CA LYS A 619 29.70 24.70 -6.34
C LYS A 619 28.98 23.79 -7.31
N LEU A 620 29.06 24.09 -8.60
CA LEU A 620 28.35 23.31 -9.61
C LEU A 620 29.07 21.99 -9.90
N LEU A 621 28.38 21.00 -10.50
CA LEU A 621 28.99 19.68 -10.76
C LEU A 621 29.22 19.54 -12.23
N PRO A 622 30.27 18.84 -12.61
CA PRO A 622 30.69 18.73 -14.02
C PRO A 622 29.56 18.25 -14.87
N GLY A 623 29.65 18.46 -16.19
CA GLY A 623 28.97 17.61 -17.15
C GLY A 623 27.69 18.26 -17.64
N LEU A 624 27.09 19.08 -16.79
CA LEU A 624 25.71 19.53 -16.96
C LEU A 624 25.60 21.06 -17.02
N ASP A 625 25.13 21.58 -18.14
CA ASP A 625 24.99 23.02 -18.28
C ASP A 625 23.67 23.42 -17.64
N LEU A 626 23.53 23.20 -16.34
CA LEU A 626 22.35 23.66 -15.61
C LEU A 626 22.73 24.19 -14.27
N ASN A 627 21.92 25.07 -13.73
CA ASN A 627 22.16 25.58 -12.40
C ASN A 627 21.48 24.71 -11.34
N HIS A 628 21.86 24.91 -10.08
CA HIS A 628 21.34 24.12 -8.99
C HIS A 628 19.83 24.24 -8.98
N LYS A 629 19.34 25.42 -9.28
CA LYS A 629 17.93 25.67 -9.07
C LYS A 629 17.21 24.61 -9.88
N GLN A 630 17.69 24.37 -11.09
CA GLN A 630 17.07 23.42 -12.01
C GLN A 630 17.39 21.99 -11.58
N LEU A 631 18.63 21.71 -11.22
CA LEU A 631 18.98 20.43 -10.64
C LEU A 631 17.98 20.04 -9.55
N PHE A 632 17.50 21.03 -8.81
CA PHE A 632 16.55 20.75 -7.75
C PHE A 632 15.47 19.93 -8.39
N PHE A 633 14.96 20.47 -9.50
CA PHE A 633 13.81 19.97 -10.23
C PHE A 633 14.21 18.70 -10.97
N LEU A 634 15.47 18.68 -11.36
CA LEU A 634 15.98 17.53 -12.06
C LEU A 634 15.78 16.30 -11.20
N ASN A 635 16.27 16.35 -9.97
CA ASN A 635 16.26 15.18 -9.12
C ASN A 635 14.83 14.80 -8.80
N PHE A 636 14.02 15.82 -8.51
CA PHE A 636 12.63 15.58 -8.30
C PHE A 636 12.09 14.75 -9.44
N ALA A 637 12.30 15.23 -10.66
CA ALA A 637 11.85 14.55 -11.87
C ALA A 637 12.35 13.11 -11.96
N GLN A 638 13.61 12.89 -11.60
CA GLN A 638 14.27 11.68 -12.03
C GLN A 638 13.83 10.53 -11.10
N VAL A 639 13.45 10.90 -9.88
CA VAL A 639 12.80 9.98 -8.96
C VAL A 639 11.79 9.07 -9.65
N TRP A 640 11.14 9.58 -10.68
CA TRP A 640 9.95 8.92 -11.16
C TRP A 640 10.13 8.43 -12.60
N CYS A 641 11.37 8.43 -13.09
CA CYS A 641 11.67 7.82 -14.40
C CYS A 641 11.19 6.38 -14.46
N GLY A 642 10.52 6.02 -15.55
CA GLY A 642 10.25 4.62 -15.81
C GLY A 642 8.91 4.46 -16.49
N THR A 643 8.45 3.22 -16.57
CA THR A 643 7.30 2.90 -17.39
C THR A 643 6.61 1.69 -16.87
N TYR A 644 5.64 1.21 -17.65
CA TYR A 644 4.54 0.40 -17.15
C TYR A 644 4.08 -0.54 -18.23
N ARG A 645 3.81 -1.80 -17.91
CA ARG A 645 3.22 -2.69 -18.89
C ARG A 645 1.74 -2.38 -18.98
N PRO A 646 1.16 -2.58 -20.15
CA PRO A 646 -0.23 -2.22 -20.42
C PRO A 646 -1.19 -2.77 -19.39
N GLU A 647 -1.02 -4.04 -19.10
CA GLU A 647 -1.97 -4.73 -18.27
C GLU A 647 -2.01 -4.07 -16.91
N TYR A 648 -0.88 -3.60 -16.43
CA TYR A 648 -0.83 -3.16 -15.06
C TYR A 648 -1.21 -1.68 -14.94
N ALA A 649 -1.10 -0.99 -16.07
CA ALA A 649 -1.58 0.36 -16.20
C ALA A 649 -3.08 0.41 -16.07
N VAL A 650 -3.76 -0.46 -16.80
CA VAL A 650 -5.19 -0.64 -16.61
C VAL A 650 -5.46 -0.81 -15.15
N ASN A 651 -4.67 -1.69 -14.57
CA ASN A 651 -4.82 -2.07 -13.19
C ASN A 651 -4.50 -0.87 -12.28
N SER A 652 -3.31 -0.30 -12.44
CA SER A 652 -2.88 0.90 -11.71
C SER A 652 -3.91 2.02 -11.71
N ILE A 653 -4.42 2.34 -12.90
CA ILE A 653 -5.30 3.45 -13.07
C ILE A 653 -6.54 3.27 -12.22
N LYS A 654 -6.89 2.04 -11.88
CA LYS A 654 -8.06 1.83 -11.01
C LYS A 654 -7.70 1.50 -9.56
N THR A 655 -6.45 1.24 -9.27
CA THR A 655 -6.14 0.67 -7.98
C THR A 655 -5.05 1.44 -7.24
N ASP A 656 -4.30 2.26 -7.95
CA ASP A 656 -3.33 3.11 -7.27
C ASP A 656 -3.93 4.42 -6.82
N VAL A 657 -3.42 4.96 -5.73
CA VAL A 657 -3.87 6.24 -5.26
C VAL A 657 -2.88 7.33 -5.54
N HIS A 658 -1.69 6.96 -5.95
CA HIS A 658 -0.88 7.83 -6.78
C HIS A 658 -1.34 7.84 -8.24
N SER A 659 -1.29 9.01 -8.86
CA SER A 659 -0.86 9.21 -10.23
C SER A 659 0.39 8.45 -10.55
N PRO A 660 0.46 8.03 -11.79
CA PRO A 660 1.68 7.54 -12.42
C PRO A 660 2.77 8.63 -12.41
N GLY A 661 4.01 8.21 -12.41
CA GLY A 661 5.11 9.11 -12.14
C GLY A 661 5.25 10.18 -13.20
N ASN A 662 4.99 9.83 -14.44
CA ASN A 662 5.17 10.82 -15.48
C ASN A 662 4.22 12.02 -15.27
N PHE A 663 3.00 11.77 -14.84
CA PHE A 663 2.09 12.86 -14.47
C PHE A 663 2.24 13.36 -13.05
N ARG A 664 2.94 12.66 -12.18
CA ARG A 664 3.19 13.25 -10.91
C ARG A 664 4.07 14.45 -11.21
N ILE A 665 4.85 14.30 -12.26
CA ILE A 665 5.82 15.29 -12.67
C ILE A 665 5.17 16.45 -13.44
N ILE A 666 4.35 16.14 -14.45
CA ILE A 666 3.91 17.17 -15.36
C ILE A 666 2.78 17.95 -14.72
N GLY A 667 1.88 17.24 -14.04
CA GLY A 667 0.83 17.90 -13.29
C GLY A 667 1.47 18.88 -12.32
N THR A 668 2.43 18.39 -11.57
CA THR A 668 3.04 19.20 -10.54
C THR A 668 3.89 20.31 -11.10
N LEU A 669 4.67 20.01 -12.13
CA LEU A 669 5.45 21.04 -12.78
C LEU A 669 4.50 22.03 -13.44
N GLN A 670 3.45 21.55 -14.10
CA GLN A 670 2.53 22.46 -14.79
C GLN A 670 2.05 23.51 -13.78
N ASN A 671 2.25 23.24 -12.50
CA ASN A 671 1.60 24.04 -11.45
C ASN A 671 2.61 24.88 -10.69
N SER A 672 3.86 24.82 -11.15
CA SER A 672 4.98 25.37 -10.41
C SER A 672 5.48 26.62 -11.12
N ALA A 673 5.24 27.77 -10.52
CA ALA A 673 5.95 28.97 -10.94
C ALA A 673 7.44 28.78 -10.79
N GLU A 674 7.90 28.35 -9.62
CA GLU A 674 9.33 28.22 -9.38
C GLU A 674 9.86 27.46 -10.57
N PHE A 675 9.02 26.61 -11.12
CA PHE A 675 9.44 25.75 -12.20
C PHE A 675 9.76 26.58 -13.42
N SER A 676 8.69 26.93 -14.14
CA SER A 676 8.77 27.48 -15.48
C SER A 676 9.55 28.77 -15.49
N GLU A 677 9.93 29.23 -14.29
CA GLU A 677 10.89 30.31 -14.15
C GLU A 677 12.31 29.79 -14.26
N ALA A 678 12.61 28.76 -13.47
CA ALA A 678 13.85 27.97 -13.55
C ALA A 678 14.31 27.66 -14.98
N PHE A 679 13.35 27.37 -15.84
CA PHE A 679 13.62 26.79 -17.14
C PHE A 679 13.04 27.71 -18.20
N HIS A 680 12.74 28.94 -17.75
CA HIS A 680 12.51 30.05 -18.66
C HIS A 680 11.59 29.63 -19.77
N CYS A 681 10.32 29.44 -19.41
CA CYS A 681 9.34 28.79 -20.27
C CYS A 681 8.29 29.75 -20.83
N ARG A 682 8.17 29.83 -22.15
CA ARG A 682 7.15 30.69 -22.75
C ARG A 682 5.86 30.41 -22.03
N LYS A 683 5.14 31.45 -21.61
CA LYS A 683 3.71 31.29 -21.36
C LYS A 683 3.13 30.14 -22.18
N ASN A 684 2.09 29.48 -21.64
CA ASN A 684 1.30 28.47 -22.36
C ASN A 684 2.17 27.55 -23.20
N SER A 685 3.45 27.47 -22.85
CA SER A 685 4.18 26.21 -22.90
C SER A 685 3.48 25.12 -22.09
N TYR A 686 3.44 23.95 -22.71
CA TYR A 686 2.62 22.85 -22.25
C TYR A 686 2.96 22.56 -20.81
N MET A 687 4.20 22.80 -20.46
CA MET A 687 4.58 22.76 -19.07
C MET A 687 4.28 24.08 -18.36
N ASN A 688 3.59 24.99 -19.03
CA ASN A 688 3.46 26.31 -18.43
C ASN A 688 2.14 27.00 -18.65
N PRO A 689 1.05 26.31 -18.36
CA PRO A 689 -0.29 26.79 -18.72
C PRO A 689 -0.74 27.87 -17.76
N GLU A 690 -1.56 28.82 -18.22
CA GLU A 690 -1.86 30.02 -17.44
C GLU A 690 -2.61 29.59 -16.19
N LYS A 691 -3.64 28.79 -16.38
CA LYS A 691 -4.39 28.27 -15.26
C LYS A 691 -3.50 27.35 -14.44
N LYS A 692 -3.41 27.63 -13.15
CA LYS A 692 -2.54 26.83 -12.29
C LYS A 692 -3.14 26.52 -10.90
N CYS A 693 -3.21 25.21 -10.61
CA CYS A 693 -4.04 24.71 -9.54
C CYS A 693 -3.18 24.88 -8.32
N ARG A 694 -3.70 25.41 -7.25
CA ARG A 694 -2.93 25.48 -6.05
C ARG A 694 -3.80 25.29 -4.81
N VAL A 695 -3.23 24.69 -3.78
CA VAL A 695 -3.89 24.66 -2.48
C VAL A 695 -2.94 24.87 -1.29
N TRP A 696 -1.79 24.23 -1.30
CA TRP A 696 -0.89 24.28 -0.16
C TRP A 696 0.47 24.72 -0.66
#